data_5L3Q
#
_entry.id   5L3Q
#
_cell.length_a   241.394
_cell.length_b   241.394
_cell.length_c   241.394
_cell.angle_alpha   90.00
_cell.angle_beta   90.00
_cell.angle_gamma   90.00
#
_symmetry.space_group_name_H-M   'I 2 3'
#
loop_
_entity.id
_entity.type
_entity.pdbx_description
1 polymer 'Signal recognition particle 54 kDa protein'
2 polymer 'Signal recognition particle receptor subunit alpha'
3 non-polymer 'SULFATE ION'
4 non-polymer 'PHOSPHOAMINOPHOSPHONIC ACID-GUANYLATE ESTER'
5 non-polymer 'MAGNESIUM ION'
6 non-polymer GLYCEROL
7 non-polymer 'ADENOSINE MONOPHOSPHATE'
8 water water
#
loop_
_entity_poly.entity_id
_entity_poly.type
_entity_poly.pdbx_seq_one_letter_code
_entity_poly.pdbx_strand_id
1 'polypeptide(L)'
;HHHHHHMVLADLGRKITSALRSLSNATIINEEVLNAMLKEVCTALLEADVNIKLVKQLRENVKSAIDLEEMASGLNKRKM
IQHAVFKELVKLVDPGVKAWTPTKGKQNVIMFVGLQGSGKTTTCSKLAYYYQRKGWKTCLICADTFRAGAFDQLKQNATK
ARIPFYGSYTEMDPVIIASEGVEKFKNENFEIIIVDTSGRHKQEDSLFEEMLQVANAIQPDNIVYVMDASIGQACEAQAK
AFKDKVDVASVIVTKLDGHAKGGGALSAVAATKSPIIFIGTGEHIDDFEPFKTQPFISKLLGMGDIEGLIDKVNELKLDD
NEALIEKLKHGQFTLRDMYEQFQNIMKMGPFSQILGMIPGFGTDFMSKGNEQESMARLKKLMTIMDSMNDQELDSTDGAK
VFSKQPGRIQRVARGSGVSTRDVQELLTQYTKFAQMVKKMGG
;
A,C
2 'polypeptide(L)'
;MLDFFTIFSKGGLVLWCFQGVSDSCTGPVNALIRSVLLQERGGNNSFTHEALTLKYKLDNQFELVFVVGFQKILTLTYVD
KLIDDVHRLFRDKYRTEIQQQSALSLLNGTFDFQNDFLRLLREAEESSKIRAPTTMKKFEDSEKAKKPVRSMIETRGEKP
KEKAKNSKKKGAKKEGSDGPLATSKPVPAEKSGLPVGPENGVELSKEELIRRKREEFIQKHGRGMEKSNKSTKSDAPKEK
GKKAPRVWELGGCANKEVLDYSTPTTNGTPEAALSEDINLIRGTGSGGQLQDLDCSSSDDEGAAQNSTKPSATKGTLGGM
FGMLKGLVGSKSLSREDMESVLDKMRDHLIAKNVAADIAVQLCESVANKLEGKVMGTFSTVTSTVKQALQESLVQILQPQ
RRVDMLRDIMDAQRRQRPYVVTFCGVNGVGKSTNLAKISFWLLENGFSVLIAACDTFRAGAVEQLRTHTRRLSALHPPEK
HGGRTMVQLFEKGYGKDAAGIAMEAIAFARNQGFDVVLVDTAGRMQDNAPLMTALAKLITVNTPDLVLFVGEALVGNEAV
DQLVKFNRALADHSMAQTPRLIDGIVLTKFDTIDDKVGAAISMTYITSKPIVFVGTGQTYCDLRSLNAKAVVAALMKA
;
B,D
#
loop_
_chem_comp.id
_chem_comp.type
_chem_comp.name
_chem_comp.formula
AMP non-polymer 'ADENOSINE MONOPHOSPHATE' 'C10 H14 N5 O7 P'
GNP non-polymer 'PHOSPHOAMINOPHOSPHONIC ACID-GUANYLATE ESTER' 'C10 H17 N6 O13 P3'
GOL non-polymer GLYCEROL 'C3 H8 O3'
MG non-polymer 'MAGNESIUM ION' 'Mg 2'
SO4 non-polymer 'SULFATE ION' 'O4 S -2'
#
# COMPACT_ATOMS: atom_id res chain seq x y z
N ASN A 30 -24.97 -36.65 0.89
CA ASN A 30 -23.63 -37.25 0.89
C ASN A 30 -22.96 -37.17 -0.49
N GLU A 31 -23.76 -36.93 -1.52
CA GLU A 31 -23.25 -36.69 -2.87
C GLU A 31 -22.71 -35.26 -2.95
N GLU A 32 -23.17 -34.42 -2.02
CA GLU A 32 -22.82 -33.01 -1.95
C GLU A 32 -21.61 -32.79 -1.03
N VAL A 33 -21.36 -33.76 -0.14
CA VAL A 33 -20.22 -33.69 0.76
C VAL A 33 -18.95 -34.24 0.09
N LEU A 34 -19.12 -35.11 -0.91
CA LEU A 34 -17.98 -35.51 -1.76
C LEU A 34 -17.52 -34.35 -2.65
N ASN A 35 -18.45 -33.80 -3.43
CA ASN A 35 -18.14 -32.73 -4.37
C ASN A 35 -17.58 -31.45 -3.74
N ALA A 36 -18.13 -31.06 -2.59
CA ALA A 36 -17.66 -29.88 -1.88
C ALA A 36 -16.23 -30.07 -1.39
N MET A 37 -15.94 -31.29 -0.93
CA MET A 37 -14.60 -31.62 -0.47
C MET A 37 -13.67 -31.90 -1.66
N LEU A 38 -14.26 -32.13 -2.83
CA LEU A 38 -13.49 -32.47 -4.01
C LEU A 38 -13.15 -31.28 -4.89
N LYS A 39 -14.05 -30.31 -5.02
CA LYS A 39 -13.73 -29.11 -5.78
C LYS A 39 -12.77 -28.25 -4.95
N GLU A 40 -12.69 -28.56 -3.66
CA GLU A 40 -11.76 -27.88 -2.76
C GLU A 40 -10.37 -28.43 -2.98
N VAL A 41 -10.28 -29.67 -3.45
CA VAL A 41 -9.00 -30.28 -3.78
C VAL A 41 -8.58 -29.93 -5.21
N CYS A 42 -9.56 -29.84 -6.12
CA CYS A 42 -9.30 -29.37 -7.48
C CYS A 42 -8.72 -27.98 -7.47
N THR A 43 -9.15 -27.16 -6.52
CA THR A 43 -8.65 -25.79 -6.42
C THR A 43 -7.24 -25.74 -5.86
N ALA A 44 -6.94 -26.55 -4.86
CA ALA A 44 -5.60 -26.58 -4.30
C ALA A 44 -4.59 -26.97 -5.37
N LEU A 45 -4.93 -28.00 -6.14
CA LEU A 45 -4.08 -28.47 -7.24
C LEU A 45 -3.96 -27.46 -8.39
N LEU A 46 -5.03 -26.69 -8.66
CA LEU A 46 -4.97 -25.69 -9.70
C LEU A 46 -4.07 -24.54 -9.26
N GLU A 47 -4.07 -24.27 -7.97
CA GLU A 47 -3.27 -23.20 -7.41
C GLU A 47 -1.82 -23.63 -7.30
N ALA A 48 -1.60 -24.93 -7.42
CA ALA A 48 -0.24 -25.46 -7.33
C ALA A 48 0.37 -25.69 -8.72
N ASP A 49 -0.28 -25.13 -9.73
CA ASP A 49 0.24 -25.11 -11.09
C ASP A 49 0.18 -26.49 -11.77
N VAL A 50 -0.70 -27.35 -11.27
CA VAL A 50 -0.99 -28.59 -11.98
C VAL A 50 -1.83 -28.26 -13.23
N ASN A 51 -1.53 -28.90 -14.34
CA ASN A 51 -2.26 -28.66 -15.58
C ASN A 51 -3.74 -28.85 -15.35
N ILE A 52 -4.55 -27.92 -15.84
CA ILE A 52 -6.00 -28.05 -15.67
C ILE A 52 -6.56 -29.34 -16.28
N LYS A 53 -6.01 -29.79 -17.42
CA LYS A 53 -6.39 -31.07 -18.04
C LYS A 53 -6.27 -32.18 -17.02
N LEU A 54 -5.14 -32.21 -16.30
CA LEU A 54 -4.87 -33.23 -15.29
C LEU A 54 -5.80 -33.14 -14.10
N VAL A 55 -6.15 -31.92 -13.70
CA VAL A 55 -7.06 -31.79 -12.59
C VAL A 55 -8.44 -32.31 -13.01
N LYS A 56 -8.94 -31.87 -14.16
CA LYS A 56 -10.23 -32.31 -14.67
C LYS A 56 -10.26 -33.83 -14.78
N GLN A 57 -9.13 -34.43 -15.15
CA GLN A 57 -9.02 -35.88 -15.24
C GLN A 57 -8.89 -36.54 -13.85
N LEU A 58 -8.06 -35.98 -12.97
CA LEU A 58 -7.88 -36.52 -11.63
C LEU A 58 -9.20 -36.49 -10.87
N ARG A 59 -10.00 -35.44 -11.11
CA ARG A 59 -11.27 -35.32 -10.43
C ARG A 59 -12.21 -36.49 -10.76
N GLU A 60 -12.45 -36.75 -12.04
CA GLU A 60 -13.38 -37.80 -12.39
C GLU A 60 -12.73 -39.19 -12.31
N ASN A 61 -11.44 -39.23 -11.96
CA ASN A 61 -10.76 -40.48 -11.66
C ASN A 61 -10.95 -40.88 -10.21
N VAL A 62 -10.81 -39.89 -9.32
CA VAL A 62 -10.99 -40.12 -7.90
C VAL A 62 -12.48 -40.29 -7.63
N LYS A 63 -13.31 -39.84 -8.57
CA LYS A 63 -14.76 -39.94 -8.43
C LYS A 63 -15.24 -41.34 -8.82
N SER A 64 -14.82 -41.81 -9.99
CA SER A 64 -15.20 -43.14 -10.47
C SER A 64 -14.65 -44.23 -9.57
N ALA A 65 -13.44 -44.01 -9.06
CA ALA A 65 -12.72 -45.04 -8.30
C ALA A 65 -13.06 -45.05 -6.82
N ILE A 66 -13.97 -44.17 -6.39
CA ILE A 66 -14.36 -44.13 -4.98
C ILE A 66 -15.70 -44.82 -4.75
N ASP A 67 -16.31 -45.31 -5.83
CA ASP A 67 -17.60 -46.00 -5.77
C ASP A 67 -17.47 -47.50 -6.04
N ASN A 76 -13.52 -37.79 9.63
CA ASN A 76 -13.02 -39.01 9.01
C ASN A 76 -13.29 -39.08 7.50
N LYS A 77 -14.22 -38.24 7.02
CA LYS A 77 -14.70 -38.26 5.64
C LYS A 77 -13.74 -37.62 4.60
N ARG A 78 -12.92 -36.68 5.07
CA ARG A 78 -11.93 -36.02 4.22
C ARG A 78 -10.62 -36.79 4.23
N LYS A 79 -10.64 -38.02 4.74
CA LYS A 79 -9.47 -38.89 4.67
C LYS A 79 -9.74 -40.01 3.66
N MET A 80 -10.99 -40.48 3.62
CA MET A 80 -11.39 -41.51 2.67
C MET A 80 -11.32 -40.97 1.25
N ILE A 81 -11.36 -39.64 1.15
CA ILE A 81 -11.25 -38.91 -0.11
C ILE A 81 -9.82 -38.47 -0.38
N GLN A 82 -9.19 -37.81 0.59
CA GLN A 82 -7.84 -37.26 0.40
C GLN A 82 -6.80 -38.36 0.19
N HIS A 83 -7.12 -39.59 0.59
CA HIS A 83 -6.23 -40.72 0.37
C HIS A 83 -6.29 -41.14 -1.09
N ALA A 84 -7.52 -41.26 -1.61
CA ALA A 84 -7.70 -41.72 -2.97
C ALA A 84 -7.24 -40.66 -3.98
N VAL A 85 -7.16 -39.42 -3.54
CA VAL A 85 -6.62 -38.35 -4.37
C VAL A 85 -5.11 -38.47 -4.38
N PHE A 86 -4.53 -38.58 -3.18
CA PHE A 86 -3.10 -38.81 -3.01
C PHE A 86 -2.61 -39.98 -3.87
N LYS A 87 -3.37 -41.05 -3.92
CA LYS A 87 -2.95 -42.21 -4.71
C LYS A 87 -2.98 -41.90 -6.21
N GLU A 88 -3.94 -41.11 -6.65
CA GLU A 88 -4.05 -40.83 -8.07
C GLU A 88 -2.93 -39.90 -8.49
N LEU A 89 -2.48 -39.06 -7.56
CA LEU A 89 -1.38 -38.11 -7.81
C LEU A 89 -0.05 -38.84 -7.93
N VAL A 90 0.15 -39.84 -7.09
CA VAL A 90 1.35 -40.66 -7.17
C VAL A 90 1.49 -41.37 -8.52
N LYS A 91 0.36 -41.87 -9.03
CA LYS A 91 0.31 -42.47 -10.35
C LYS A 91 0.78 -41.47 -11.43
N LEU A 92 0.53 -40.18 -11.17
CA LEU A 92 0.90 -39.12 -12.10
C LEU A 92 2.40 -38.72 -12.07
N VAL A 93 3.05 -38.77 -10.90
CA VAL A 93 4.49 -38.44 -10.82
C VAL A 93 5.36 -39.61 -11.24
N ASP A 94 4.82 -40.82 -11.06
CA ASP A 94 5.52 -42.05 -11.41
C ASP A 94 5.21 -42.42 -12.86
N PRO A 95 6.24 -42.38 -13.72
CA PRO A 95 6.11 -42.71 -15.14
C PRO A 95 6.07 -44.21 -15.37
N GLY A 96 6.30 -44.99 -14.31
CA GLY A 96 6.35 -46.44 -14.40
C GLY A 96 7.71 -46.95 -14.82
N VAL A 97 8.67 -46.05 -14.94
CA VAL A 97 10.01 -46.41 -15.41
C VAL A 97 11.08 -46.14 -14.32
N LYS A 98 12.02 -47.07 -14.15
CA LYS A 98 13.08 -46.83 -13.18
C LYS A 98 14.04 -45.79 -13.77
N ALA A 99 14.76 -45.04 -12.93
CA ALA A 99 15.63 -43.98 -13.44
C ALA A 99 16.99 -44.47 -13.93
N TRP A 100 17.54 -43.85 -14.98
CA TRP A 100 18.87 -44.20 -15.44
C TRP A 100 19.91 -43.90 -14.35
N THR A 101 20.91 -44.76 -14.24
CA THR A 101 22.05 -44.48 -13.35
C THR A 101 23.39 -44.80 -13.99
N PRO A 102 24.40 -43.97 -13.72
CA PRO A 102 25.73 -44.22 -14.26
C PRO A 102 26.34 -45.48 -13.65
N THR A 103 27.18 -46.16 -14.41
CA THR A 103 27.97 -47.29 -13.89
C THR A 103 29.40 -46.86 -13.64
N LYS A 104 29.93 -47.23 -12.47
CA LYS A 104 31.31 -46.90 -12.11
C LYS A 104 32.26 -47.61 -13.08
N GLY A 105 33.28 -46.92 -13.57
CA GLY A 105 34.27 -47.61 -14.39
C GLY A 105 34.03 -47.64 -15.88
N LYS A 106 32.93 -47.02 -16.30
CA LYS A 106 32.69 -46.77 -17.70
C LYS A 106 32.51 -45.29 -17.90
N GLN A 107 32.38 -44.89 -19.16
CA GLN A 107 32.25 -43.50 -19.51
C GLN A 107 30.74 -43.17 -19.53
N ASN A 108 30.28 -42.33 -18.60
CA ASN A 108 28.88 -41.88 -18.53
C ASN A 108 28.65 -40.41 -18.94
N VAL A 109 28.09 -40.18 -20.13
CA VAL A 109 27.84 -38.81 -20.61
C VAL A 109 26.42 -38.32 -20.39
N ILE A 110 26.26 -37.29 -19.57
CA ILE A 110 24.97 -36.71 -19.26
C ILE A 110 24.77 -35.33 -19.91
N MET A 111 23.71 -35.17 -20.70
CA MET A 111 23.46 -33.88 -21.37
C MET A 111 22.24 -33.16 -20.82
N PHE A 112 22.41 -31.89 -20.47
CA PHE A 112 21.31 -31.12 -19.89
C PHE A 112 20.58 -30.29 -20.96
N VAL A 113 19.25 -30.30 -20.91
CA VAL A 113 18.44 -29.45 -21.77
C VAL A 113 17.29 -28.82 -21.01
N GLY A 114 16.73 -27.74 -21.55
CA GLY A 114 15.58 -27.14 -20.92
C GLY A 114 15.36 -25.73 -21.37
N LEU A 115 14.20 -25.17 -21.03
CA LEU A 115 13.82 -23.81 -21.40
C LEU A 115 14.83 -22.77 -20.88
N GLN A 116 14.88 -21.61 -21.54
CA GLN A 116 15.72 -20.51 -21.09
C GLN A 116 15.52 -20.20 -19.61
N GLY A 117 16.61 -20.11 -18.86
CA GLY A 117 16.53 -19.66 -17.48
C GLY A 117 15.94 -20.64 -16.48
N SER A 118 15.77 -21.89 -16.89
CA SER A 118 15.21 -22.91 -16.00
C SER A 118 16.20 -23.38 -14.93
N GLY A 119 17.49 -23.24 -15.19
CA GLY A 119 18.48 -23.53 -14.18
C GLY A 119 19.41 -24.65 -14.53
N LYS A 120 19.58 -24.92 -15.83
CA LYS A 120 20.48 -25.98 -16.29
C LYS A 120 21.90 -25.83 -15.74
N THR A 121 22.57 -24.75 -16.13
CA THR A 121 23.94 -24.47 -15.75
C THR A 121 24.24 -24.62 -14.26
N THR A 122 23.40 -24.05 -13.40
CA THR A 122 23.62 -24.16 -11.97
C THR A 122 23.47 -25.60 -11.54
N THR A 123 22.45 -26.26 -12.08
CA THR A 123 22.14 -27.64 -11.74
C THR A 123 23.24 -28.59 -12.28
N CYS A 124 23.94 -28.19 -13.34
CA CYS A 124 25.06 -28.97 -13.81
C CYS A 124 26.13 -29.12 -12.74
N SER A 125 26.63 -28.00 -12.23
CA SER A 125 27.65 -28.07 -11.21
C SER A 125 27.06 -28.72 -9.95
N LYS A 126 25.78 -28.51 -9.70
CA LYS A 126 25.11 -29.21 -8.60
C LYS A 126 25.20 -30.73 -8.72
N LEU A 127 24.96 -31.24 -9.92
CA LEU A 127 24.97 -32.67 -10.12
C LEU A 127 26.39 -33.20 -10.14
N ALA A 128 27.33 -32.45 -10.72
CA ALA A 128 28.73 -32.89 -10.73
C ALA A 128 29.26 -33.00 -9.31
N TYR A 129 29.00 -31.96 -8.52
CA TYR A 129 29.40 -31.95 -7.12
C TYR A 129 28.79 -33.12 -6.40
N TYR A 130 27.54 -33.47 -6.73
CA TYR A 130 26.92 -34.64 -6.12
C TYR A 130 27.72 -35.92 -6.42
N TYR A 131 27.98 -36.20 -7.70
CA TYR A 131 28.71 -37.40 -8.07
C TYR A 131 30.14 -37.30 -7.60
N GLN A 132 30.73 -36.11 -7.63
CA GLN A 132 32.13 -36.03 -7.27
C GLN A 132 32.35 -36.37 -5.81
N ARG A 133 31.45 -35.88 -4.96
CA ARG A 133 31.51 -36.18 -3.54
C ARG A 133 31.34 -37.65 -3.23
N LYS A 134 30.66 -38.38 -4.12
CA LYS A 134 30.44 -39.81 -3.93
C LYS A 134 31.60 -40.61 -4.50
N GLY A 135 32.61 -39.90 -5.00
CA GLY A 135 33.85 -40.54 -5.39
C GLY A 135 33.93 -40.91 -6.87
N TRP A 136 33.21 -40.18 -7.70
CA TRP A 136 33.26 -40.43 -9.13
C TRP A 136 34.23 -39.45 -9.74
N LYS A 137 34.86 -39.83 -10.84
CA LYS A 137 35.70 -38.88 -11.56
C LYS A 137 34.81 -38.07 -12.46
N THR A 138 34.49 -36.85 -12.04
CA THR A 138 33.53 -36.07 -12.81
C THR A 138 34.11 -34.76 -13.38
N CYS A 139 33.38 -34.19 -14.34
CA CYS A 139 33.81 -33.01 -15.06
C CYS A 139 32.63 -32.39 -15.77
N LEU A 140 32.71 -31.09 -16.03
CA LEU A 140 31.65 -30.33 -16.70
C LEU A 140 32.15 -29.75 -18.01
N ILE A 141 31.31 -29.78 -19.04
CA ILE A 141 31.64 -29.14 -20.31
C ILE A 141 30.61 -28.04 -20.58
N CYS A 142 31.06 -26.84 -20.96
CA CYS A 142 30.11 -25.80 -21.34
C CYS A 142 29.93 -25.70 -22.86
N ALA A 143 28.79 -26.18 -23.33
CA ALA A 143 28.42 -26.07 -24.74
C ALA A 143 27.29 -25.05 -24.97
N ASP A 144 27.37 -23.93 -24.27
CA ASP A 144 26.52 -22.77 -24.56
C ASP A 144 27.36 -21.74 -25.29
N THR A 145 27.01 -21.42 -26.53
CA THR A 145 27.79 -20.43 -27.26
C THR A 145 27.02 -19.17 -27.49
N PHE A 146 25.92 -19.02 -26.78
CA PHE A 146 25.04 -17.90 -26.99
C PHE A 146 24.95 -16.98 -25.80
N ARG A 147 24.62 -17.55 -24.65
CA ARG A 147 24.35 -16.74 -23.48
C ARG A 147 25.59 -15.98 -23.04
N ALA A 148 25.47 -14.66 -22.95
CA ALA A 148 26.54 -13.79 -22.49
C ALA A 148 27.11 -14.24 -21.14
N GLY A 149 28.41 -14.47 -21.11
CA GLY A 149 29.05 -14.94 -19.90
C GLY A 149 28.61 -16.33 -19.48
N ALA A 150 28.16 -17.18 -20.40
CA ALA A 150 27.78 -18.54 -20.04
C ALA A 150 28.99 -19.34 -19.59
N PHE A 151 30.08 -19.23 -20.34
CA PHE A 151 31.27 -19.99 -19.99
C PHE A 151 31.87 -19.50 -18.69
N ASP A 152 31.86 -18.19 -18.48
CA ASP A 152 32.39 -17.66 -17.24
C ASP A 152 31.57 -18.15 -16.07
N GLN A 153 30.27 -18.27 -16.27
CA GLN A 153 29.39 -18.75 -15.20
C GLN A 153 29.76 -20.16 -14.75
N LEU A 154 29.87 -21.08 -15.70
CA LEU A 154 30.13 -22.46 -15.38
C LEU A 154 31.56 -22.61 -14.88
N LYS A 155 32.47 -21.82 -15.41
CA LYS A 155 33.88 -21.91 -15.03
C LYS A 155 34.06 -21.54 -13.56
N GLN A 156 33.28 -20.57 -13.09
CA GLN A 156 33.39 -20.11 -11.70
C GLN A 156 32.70 -21.09 -10.77
N ASN A 157 31.58 -21.65 -11.24
CA ASN A 157 30.89 -22.66 -10.49
C ASN A 157 31.81 -23.88 -10.31
N ALA A 158 32.39 -24.34 -11.41
CA ALA A 158 33.26 -25.52 -11.41
C ALA A 158 34.51 -25.29 -10.60
N THR A 159 35.07 -24.10 -10.71
CA THR A 159 36.31 -23.76 -10.00
C THR A 159 36.14 -23.74 -8.48
N LYS A 160 34.99 -23.24 -8.01
CA LYS A 160 34.73 -23.20 -6.58
C LYS A 160 34.60 -24.62 -6.00
N ALA A 161 33.98 -25.51 -6.77
CA ALA A 161 33.76 -26.90 -6.34
C ALA A 161 34.90 -27.86 -6.71
N ARG A 162 36.01 -27.29 -7.21
CA ARG A 162 37.17 -28.07 -7.62
C ARG A 162 36.81 -29.17 -8.62
N ILE A 163 36.06 -28.83 -9.66
CA ILE A 163 35.66 -29.79 -10.70
C ILE A 163 36.21 -29.39 -12.06
N PRO A 164 36.89 -30.31 -12.75
CA PRO A 164 37.44 -30.09 -14.09
C PRO A 164 36.41 -29.65 -15.10
N PHE A 165 36.73 -28.65 -15.92
CA PHE A 165 35.78 -28.17 -16.90
C PHE A 165 36.42 -27.96 -18.27
N TYR A 166 35.58 -27.86 -19.27
CA TYR A 166 36.02 -27.57 -20.62
C TYR A 166 35.04 -26.58 -21.20
N GLY A 167 35.52 -25.66 -22.04
CA GLY A 167 34.65 -24.70 -22.69
C GLY A 167 35.51 -23.78 -23.49
N SER A 168 34.89 -22.84 -24.20
CA SER A 168 35.67 -21.90 -25.02
C SER A 168 35.05 -20.52 -25.07
N TYR A 169 35.90 -19.51 -24.99
CA TYR A 169 35.46 -18.12 -25.10
C TYR A 169 35.17 -17.76 -26.56
N THR A 170 35.81 -18.51 -27.48
CA THR A 170 35.84 -18.18 -28.90
C THR A 170 34.99 -19.08 -29.82
N GLU A 171 34.95 -20.38 -29.55
CA GLU A 171 34.26 -21.32 -30.43
C GLU A 171 32.77 -21.07 -30.44
N MET A 172 32.21 -20.93 -31.63
CA MET A 172 30.80 -20.55 -31.78
C MET A 172 29.84 -21.70 -32.08
N ASP A 173 30.37 -22.87 -32.45
CA ASP A 173 29.55 -24.04 -32.71
C ASP A 173 29.54 -24.94 -31.48
N PRO A 174 28.37 -25.05 -30.82
CA PRO A 174 28.21 -25.90 -29.63
C PRO A 174 28.59 -27.34 -29.87
N VAL A 175 28.32 -27.84 -31.08
CA VAL A 175 28.65 -29.21 -31.45
C VAL A 175 30.15 -29.49 -31.38
N ILE A 176 30.97 -28.54 -31.83
CA ILE A 176 32.43 -28.66 -31.76
C ILE A 176 32.95 -28.62 -30.32
N ILE A 177 32.41 -27.75 -29.47
CA ILE A 177 32.85 -27.71 -28.08
C ILE A 177 32.48 -29.00 -27.35
N ALA A 178 31.22 -29.40 -27.50
CA ALA A 178 30.72 -30.61 -26.85
C ALA A 178 31.49 -31.87 -27.30
N SER A 179 31.68 -31.99 -28.62
CA SER A 179 32.46 -33.06 -29.23
C SER A 179 33.88 -33.08 -28.68
N GLU A 180 34.57 -31.97 -28.88
CA GLU A 180 35.97 -31.89 -28.48
C GLU A 180 36.11 -31.95 -26.96
N GLY A 181 35.03 -31.63 -26.25
CA GLY A 181 35.03 -31.77 -24.81
C GLY A 181 34.86 -33.21 -24.34
N VAL A 182 33.85 -33.89 -24.87
CA VAL A 182 33.64 -35.28 -24.50
C VAL A 182 34.84 -36.10 -24.92
N GLU A 183 35.31 -35.87 -26.14
CA GLU A 183 36.52 -36.51 -26.64
C GLU A 183 37.71 -36.28 -25.70
N LYS A 184 37.85 -35.07 -25.16
CA LYS A 184 38.97 -34.79 -24.25
C LYS A 184 38.92 -35.58 -22.93
N PHE A 185 37.74 -35.62 -22.33
CA PHE A 185 37.56 -36.23 -21.02
C PHE A 185 37.43 -37.77 -21.12
N LYS A 186 37.09 -38.26 -22.30
CA LYS A 186 37.16 -39.68 -22.57
C LYS A 186 38.61 -40.10 -22.48
N ASN A 187 39.47 -39.35 -23.16
CA ASN A 187 40.90 -39.67 -23.19
C ASN A 187 41.57 -39.56 -21.82
N GLU A 188 40.88 -38.97 -20.86
CA GLU A 188 41.41 -38.85 -19.50
C GLU A 188 40.62 -39.72 -18.54
N ASN A 189 39.77 -40.58 -19.11
CA ASN A 189 39.06 -41.63 -18.38
C ASN A 189 38.20 -41.13 -17.24
N PHE A 190 37.39 -40.12 -17.54
CA PHE A 190 36.41 -39.63 -16.61
C PHE A 190 35.19 -40.53 -16.64
N GLU A 191 34.55 -40.66 -15.48
CA GLU A 191 33.37 -41.48 -15.33
C GLU A 191 32.08 -40.71 -15.53
N ILE A 192 32.05 -39.45 -15.09
CA ILE A 192 30.84 -38.65 -15.28
C ILE A 192 31.17 -37.39 -16.07
N ILE A 193 30.75 -37.32 -17.33
CA ILE A 193 30.98 -36.14 -18.15
C ILE A 193 29.65 -35.44 -18.38
N ILE A 194 29.45 -34.31 -17.71
CA ILE A 194 28.19 -33.54 -17.77
C ILE A 194 28.26 -32.36 -18.74
N VAL A 195 27.39 -32.36 -19.76
CA VAL A 195 27.41 -31.33 -20.78
C VAL A 195 26.27 -30.33 -20.65
N ASP A 196 26.61 -29.06 -20.39
CA ASP A 196 25.63 -27.98 -20.25
C ASP A 196 25.32 -27.42 -21.65
N THR A 197 24.05 -27.15 -21.95
CA THR A 197 23.67 -26.58 -23.25
C THR A 197 22.86 -25.31 -23.03
N SER A 198 22.64 -24.53 -24.09
CA SER A 198 21.94 -23.26 -23.94
C SER A 198 20.44 -23.45 -23.83
N GLY A 199 19.77 -22.50 -23.18
CA GLY A 199 18.32 -22.53 -23.08
C GLY A 199 17.67 -22.43 -24.46
N ARG A 200 16.59 -23.16 -24.66
CA ARG A 200 15.91 -23.11 -25.94
C ARG A 200 14.44 -23.41 -25.74
N HIS A 201 13.61 -23.04 -26.72
CA HIS A 201 12.15 -23.19 -26.62
C HIS A 201 11.57 -23.65 -27.95
N LYS A 202 10.43 -24.33 -27.90
CA LYS A 202 9.99 -25.15 -29.01
C LYS A 202 9.74 -24.41 -30.31
N GLN A 203 9.44 -23.12 -30.21
CA GLN A 203 9.03 -22.35 -31.40
C GLN A 203 10.19 -21.84 -32.25
N GLU A 204 11.39 -21.85 -31.68
CA GLU A 204 12.60 -21.56 -32.42
C GLU A 204 13.11 -22.89 -32.99
N ASP A 205 12.72 -23.18 -34.23
CA ASP A 205 13.06 -24.47 -34.85
C ASP A 205 14.56 -24.64 -34.98
N SER A 206 15.24 -23.54 -35.24
CA SER A 206 16.69 -23.48 -35.35
C SER A 206 17.32 -24.09 -34.12
N LEU A 207 16.96 -23.56 -32.96
CA LEU A 207 17.54 -23.99 -31.70
C LEU A 207 17.25 -25.44 -31.38
N PHE A 208 16.07 -25.94 -31.77
CA PHE A 208 15.75 -27.34 -31.50
C PHE A 208 16.55 -28.31 -32.34
N GLU A 209 16.82 -27.96 -33.60
CA GLU A 209 17.75 -28.71 -34.43
C GLU A 209 19.13 -28.75 -33.83
N GLU A 210 19.61 -27.60 -33.37
CA GLU A 210 20.95 -27.50 -32.84
C GLU A 210 21.10 -28.41 -31.63
N MET A 211 20.03 -28.54 -30.87
CA MET A 211 20.01 -29.44 -29.72
C MET A 211 20.14 -30.89 -30.15
N LEU A 212 19.36 -31.29 -31.15
CA LEU A 212 19.42 -32.66 -31.65
C LEU A 212 20.78 -32.91 -32.22
N GLN A 213 21.38 -31.89 -32.83
CA GLN A 213 22.71 -32.07 -33.43
C GLN A 213 23.77 -32.27 -32.36
N VAL A 214 23.63 -31.55 -31.24
CA VAL A 214 24.56 -31.74 -30.11
C VAL A 214 24.37 -33.14 -29.53
N ALA A 215 23.12 -33.57 -29.40
CA ALA A 215 22.82 -34.91 -28.90
C ALA A 215 23.43 -35.98 -29.80
N ASN A 216 23.18 -35.88 -31.11
CA ASN A 216 23.71 -36.86 -32.03
C ASN A 216 25.23 -36.91 -32.02
N ALA A 217 25.87 -35.77 -31.75
CA ALA A 217 27.32 -35.70 -31.84
C ALA A 217 28.04 -36.39 -30.70
N ILE A 218 27.56 -36.16 -29.48
CA ILE A 218 28.19 -36.71 -28.28
C ILE A 218 27.57 -38.03 -27.80
N GLN A 219 26.39 -38.36 -28.34
CA GLN A 219 25.65 -39.57 -28.00
C GLN A 219 25.54 -39.83 -26.49
N PRO A 220 24.75 -38.99 -25.79
CA PRO A 220 24.68 -39.04 -24.33
C PRO A 220 24.07 -40.35 -23.85
N ASP A 221 24.43 -40.76 -22.64
CA ASP A 221 23.84 -41.93 -22.00
C ASP A 221 22.62 -41.55 -21.19
N ASN A 222 22.42 -40.25 -21.01
CA ASN A 222 21.26 -39.78 -20.27
C ASN A 222 21.06 -38.33 -20.61
N ILE A 223 19.86 -37.98 -21.05
CA ILE A 223 19.52 -36.59 -21.28
C ILE A 223 18.60 -36.13 -20.18
N VAL A 224 18.97 -35.05 -19.50
CA VAL A 224 18.16 -34.52 -18.40
C VAL A 224 17.38 -33.30 -18.85
N TYR A 225 16.07 -33.25 -18.60
CA TYR A 225 15.27 -32.05 -18.87
C TYR A 225 15.07 -31.24 -17.60
N VAL A 226 15.67 -30.05 -17.53
CA VAL A 226 15.63 -29.26 -16.30
C VAL A 226 14.45 -28.33 -16.35
N MET A 227 13.66 -28.29 -15.28
CA MET A 227 12.49 -27.41 -15.29
C MET A 227 12.27 -26.54 -14.04
N ASP A 228 11.85 -25.30 -14.28
CA ASP A 228 11.56 -24.36 -13.21
C ASP A 228 10.26 -24.80 -12.53
N ALA A 229 10.25 -24.88 -11.20
CA ALA A 229 9.07 -25.32 -10.49
C ALA A 229 7.94 -24.31 -10.56
N SER A 230 8.23 -23.11 -11.05
CA SER A 230 7.23 -22.04 -11.03
C SER A 230 6.43 -21.97 -12.33
N ILE A 231 6.78 -22.85 -13.27
CA ILE A 231 6.20 -22.85 -14.61
C ILE A 231 4.71 -23.06 -14.58
N GLY A 232 4.01 -22.25 -15.35
CA GLY A 232 2.57 -22.30 -15.43
C GLY A 232 2.07 -23.38 -16.35
N GLN A 233 1.05 -23.02 -17.13
CA GLN A 233 0.34 -23.97 -17.98
C GLN A 233 1.09 -24.29 -19.26
N ALA A 234 2.05 -23.45 -19.64
CA ALA A 234 2.75 -23.64 -20.90
C ALA A 234 3.74 -24.82 -20.81
N CYS A 235 3.75 -25.49 -19.67
CA CYS A 235 4.75 -26.53 -19.42
C CYS A 235 4.61 -27.81 -20.23
N GLU A 236 3.41 -28.39 -20.30
CA GLU A 236 3.24 -29.65 -21.01
C GLU A 236 3.69 -29.52 -22.46
N ALA A 237 3.31 -28.42 -23.10
CA ALA A 237 3.59 -28.20 -24.51
C ALA A 237 5.09 -28.26 -24.85
N GLN A 238 5.87 -27.51 -24.08
CA GLN A 238 7.32 -27.44 -24.24
C GLN A 238 8.00 -28.76 -23.95
N ALA A 239 7.62 -29.38 -22.84
CA ALA A 239 8.24 -30.63 -22.45
C ALA A 239 7.99 -31.69 -23.52
N LYS A 240 6.76 -31.78 -24.03
CA LYS A 240 6.48 -32.72 -25.11
C LYS A 240 7.42 -32.43 -26.27
N ALA A 241 7.56 -31.15 -26.60
CA ALA A 241 8.34 -30.73 -27.75
C ALA A 241 9.79 -31.13 -27.63
N PHE A 242 10.32 -31.04 -26.40
CA PHE A 242 11.68 -31.46 -26.11
C PHE A 242 11.84 -32.97 -26.31
N LYS A 243 10.93 -33.73 -25.71
CA LYS A 243 10.92 -35.19 -25.81
C LYS A 243 10.72 -35.67 -27.25
N ASP A 244 9.98 -34.89 -28.04
CA ASP A 244 9.74 -35.27 -29.42
C ASP A 244 10.97 -35.13 -30.32
N LYS A 245 11.89 -34.26 -29.93
CA LYS A 245 13.06 -33.95 -30.77
C LYS A 245 14.29 -34.73 -30.32
N VAL A 246 14.48 -34.81 -29.01
CA VAL A 246 15.67 -35.41 -28.44
C VAL A 246 15.24 -36.45 -27.42
N ASP A 247 16.11 -37.36 -26.99
CA ASP A 247 15.64 -38.45 -26.10
C ASP A 247 15.78 -38.20 -24.58
N VAL A 248 14.89 -37.34 -24.07
CA VAL A 248 14.85 -37.01 -22.65
C VAL A 248 14.51 -38.25 -21.84
N ALA A 249 15.24 -38.49 -20.75
CA ALA A 249 15.13 -39.74 -20.00
C ALA A 249 15.05 -39.52 -18.50
N SER A 250 15.24 -38.27 -18.06
CA SER A 250 15.26 -37.91 -16.64
C SER A 250 14.79 -36.47 -16.51
N VAL A 251 14.20 -36.12 -15.37
CA VAL A 251 13.76 -34.73 -15.15
C VAL A 251 14.28 -34.19 -13.83
N ILE A 252 14.80 -32.96 -13.81
CA ILE A 252 15.15 -32.30 -12.55
C ILE A 252 14.33 -31.04 -12.39
N VAL A 253 13.77 -30.86 -11.22
CA VAL A 253 12.94 -29.70 -10.91
C VAL A 253 13.72 -28.75 -10.02
N THR A 254 13.84 -27.49 -10.42
CA THR A 254 14.65 -26.54 -9.67
C THR A 254 13.77 -25.49 -9.01
N LYS A 255 14.39 -24.70 -8.14
CA LYS A 255 13.73 -23.56 -7.52
C LYS A 255 12.53 -23.98 -6.69
N LEU A 256 12.62 -25.14 -6.07
CA LEU A 256 11.59 -25.63 -5.17
C LEU A 256 11.76 -25.11 -3.76
N ASP A 257 12.75 -24.27 -3.53
CA ASP A 257 13.02 -23.83 -2.18
C ASP A 257 12.05 -22.73 -1.74
N GLY A 258 11.32 -22.18 -2.70
CA GLY A 258 10.43 -21.08 -2.38
C GLY A 258 8.99 -21.52 -2.22
N HIS A 259 8.10 -20.69 -2.76
CA HIS A 259 6.66 -20.78 -2.58
C HIS A 259 5.96 -21.73 -3.57
N ALA A 260 6.63 -22.01 -4.69
CA ALA A 260 6.04 -22.86 -5.72
C ALA A 260 6.08 -24.31 -5.30
N LYS A 261 4.96 -24.99 -5.52
CA LYS A 261 4.82 -26.37 -5.11
C LYS A 261 5.21 -27.32 -6.24
N GLY A 262 5.41 -26.76 -7.44
CA GLY A 262 5.98 -27.51 -8.55
C GLY A 262 5.03 -28.45 -9.26
N GLY A 263 3.76 -28.10 -9.32
CA GLY A 263 2.75 -28.94 -9.96
C GLY A 263 2.94 -29.14 -11.45
N GLY A 264 3.83 -28.37 -12.06
CA GLY A 264 4.08 -28.52 -13.48
C GLY A 264 4.77 -29.84 -13.75
N ALA A 265 5.48 -30.32 -12.73
CA ALA A 265 6.22 -31.58 -12.81
C ALA A 265 5.34 -32.76 -13.22
N LEU A 266 4.06 -32.77 -12.83
CA LEU A 266 3.19 -33.85 -13.25
C LEU A 266 3.08 -33.89 -14.77
N SER A 267 2.98 -32.73 -15.38
CA SER A 267 2.87 -32.63 -16.84
C SER A 267 4.21 -32.95 -17.52
N ALA A 268 5.31 -32.51 -16.91
CA ALA A 268 6.65 -32.79 -17.44
C ALA A 268 6.94 -34.28 -17.45
N VAL A 269 6.63 -34.94 -16.34
CA VAL A 269 6.78 -36.38 -16.24
C VAL A 269 5.91 -37.03 -17.31
N ALA A 270 4.69 -36.53 -17.48
CA ALA A 270 3.78 -37.09 -18.45
C ALA A 270 4.33 -37.02 -19.86
N ALA A 271 4.83 -35.83 -20.21
CA ALA A 271 5.30 -35.52 -21.56
C ALA A 271 6.60 -36.23 -21.93
N THR A 272 7.54 -36.27 -21.00
CA THR A 272 8.83 -36.85 -21.28
C THR A 272 8.90 -38.36 -20.97
N LYS A 273 7.89 -38.90 -20.30
CA LYS A 273 7.87 -40.31 -19.85
C LYS A 273 9.12 -40.62 -19.05
N SER A 274 9.50 -39.71 -18.16
CA SER A 274 10.75 -39.81 -17.41
C SER A 274 10.50 -39.44 -15.97
N PRO A 275 11.19 -40.11 -15.02
CA PRO A 275 11.06 -39.84 -13.59
C PRO A 275 11.77 -38.56 -13.18
N ILE A 276 11.26 -37.92 -12.13
CA ILE A 276 11.99 -36.81 -11.55
C ILE A 276 13.11 -37.39 -10.72
N ILE A 277 14.35 -37.08 -11.06
CA ILE A 277 15.47 -37.69 -10.33
C ILE A 277 16.01 -36.83 -9.16
N PHE A 278 16.07 -35.51 -9.34
CA PHE A 278 16.62 -34.66 -8.29
C PHE A 278 15.82 -33.38 -8.23
N ILE A 279 15.82 -32.71 -7.08
CA ILE A 279 15.22 -31.39 -7.01
C ILE A 279 16.28 -30.38 -6.59
N GLY A 280 16.13 -29.14 -7.05
CA GLY A 280 17.02 -28.06 -6.68
C GLY A 280 16.35 -27.27 -5.58
N THR A 281 17.10 -26.95 -4.53
CA THR A 281 16.53 -26.25 -3.41
C THR A 281 17.33 -25.04 -3.00
N GLY A 282 17.80 -24.27 -3.97
CA GLY A 282 18.56 -23.07 -3.68
C GLY A 282 19.66 -22.72 -4.68
N GLU A 283 20.40 -21.65 -4.39
CA GLU A 283 21.34 -21.14 -5.38
C GLU A 283 22.70 -21.78 -5.27
N HIS A 284 22.97 -22.43 -4.15
CA HIS A 284 24.30 -22.98 -3.88
C HIS A 284 24.51 -24.39 -4.40
N ILE A 285 25.77 -24.82 -4.44
CA ILE A 285 26.12 -26.08 -5.11
C ILE A 285 25.60 -27.33 -4.38
N ASP A 286 25.35 -27.19 -3.09
CA ASP A 286 24.85 -28.31 -2.31
C ASP A 286 23.37 -28.19 -1.98
N ASP A 287 22.66 -27.32 -2.70
CA ASP A 287 21.21 -27.18 -2.56
C ASP A 287 20.53 -28.08 -3.57
N PHE A 288 20.61 -29.37 -3.29
CA PHE A 288 20.34 -30.38 -4.27
C PHE A 288 20.10 -31.63 -3.46
N GLU A 289 19.02 -32.33 -3.79
CA GLU A 289 18.76 -33.62 -3.18
C GLU A 289 17.97 -34.51 -4.09
N PRO A 290 18.12 -35.83 -3.91
CA PRO A 290 17.37 -36.75 -4.74
C PRO A 290 15.86 -36.70 -4.47
N PHE A 291 15.08 -36.66 -5.56
CA PHE A 291 13.62 -36.58 -5.51
C PHE A 291 13.05 -37.74 -4.75
N LYS A 292 12.17 -37.43 -3.80
CA LYS A 292 11.38 -38.44 -3.12
C LYS A 292 9.88 -38.15 -3.36
N THR A 293 9.14 -39.18 -3.75
CA THR A 293 7.76 -39.01 -4.21
C THR A 293 6.79 -38.61 -3.12
N GLN A 294 6.83 -39.28 -1.98
CA GLN A 294 5.89 -38.97 -0.89
C GLN A 294 5.85 -37.52 -0.40
N PRO A 295 7.02 -36.93 -0.04
CA PRO A 295 6.98 -35.57 0.52
C PRO A 295 6.54 -34.53 -0.51
N PHE A 296 6.86 -34.79 -1.77
CA PHE A 296 6.52 -33.91 -2.87
C PHE A 296 5.01 -33.85 -3.12
N ILE A 297 4.35 -35.01 -3.08
CA ILE A 297 2.91 -35.06 -3.26
C ILE A 297 2.24 -34.48 -2.03
N SER A 298 2.85 -34.67 -0.86
CA SER A 298 2.34 -34.10 0.36
C SER A 298 2.34 -32.58 0.29
N LYS A 299 3.49 -32.01 -0.07
CA LYS A 299 3.62 -30.57 -0.18
C LYS A 299 2.71 -30.03 -1.29
N LEU A 300 2.53 -30.83 -2.34
CA LEU A 300 1.69 -30.44 -3.46
C LEU A 300 0.22 -30.36 -3.07
N LEU A 301 -0.14 -30.98 -1.95
CA LEU A 301 -1.54 -31.17 -1.63
C LEU A 301 -2.01 -30.28 -0.48
N GLY A 302 -1.12 -30.03 0.49
CA GLY A 302 -1.49 -29.23 1.65
C GLY A 302 -1.45 -29.98 2.97
N SER B 332 -34.53 -11.24 -17.65
CA SER B 332 -33.31 -10.70 -17.04
C SER B 332 -32.19 -11.71 -17.03
N LEU B 333 -31.08 -11.33 -16.39
CA LEU B 333 -29.93 -12.19 -16.27
C LEU B 333 -29.65 -12.50 -14.81
N SER B 334 -30.04 -13.68 -14.34
CA SER B 334 -29.73 -14.06 -12.98
C SER B 334 -28.35 -14.73 -12.93
N ARG B 335 -27.86 -15.00 -11.73
CA ARG B 335 -26.58 -15.66 -11.56
C ARG B 335 -26.66 -17.12 -12.01
N GLU B 336 -27.84 -17.74 -11.85
CA GLU B 336 -28.05 -19.15 -12.21
C GLU B 336 -27.92 -19.43 -13.72
N ASP B 337 -28.43 -18.51 -14.55
CA ASP B 337 -28.31 -18.61 -16.01
C ASP B 337 -26.84 -18.48 -16.47
N MET B 338 -26.13 -17.53 -15.87
CA MET B 338 -24.76 -17.30 -16.23
C MET B 338 -23.83 -18.34 -15.64
N GLU B 339 -24.31 -19.06 -14.62
CA GLU B 339 -23.52 -20.02 -13.87
C GLU B 339 -22.59 -20.87 -14.71
N SER B 340 -23.11 -21.48 -15.77
CA SER B 340 -22.32 -22.42 -16.56
C SER B 340 -21.40 -21.76 -17.58
N VAL B 341 -21.91 -20.82 -18.36
CA VAL B 341 -21.06 -20.09 -19.31
C VAL B 341 -19.94 -19.33 -18.59
N LEU B 342 -20.24 -18.88 -17.38
CA LEU B 342 -19.22 -18.25 -16.53
C LEU B 342 -18.16 -19.26 -16.06
N ASP B 343 -18.62 -20.47 -15.76
CA ASP B 343 -17.73 -21.57 -15.37
C ASP B 343 -16.83 -21.96 -16.54
N LYS B 344 -17.37 -21.93 -17.76
CA LYS B 344 -16.59 -22.28 -18.95
C LYS B 344 -15.54 -21.23 -19.22
N MET B 345 -15.90 -19.96 -19.02
CA MET B 345 -14.94 -18.89 -19.18
C MET B 345 -13.81 -19.03 -18.17
N ARG B 346 -14.17 -19.19 -16.89
CA ARG B 346 -13.16 -19.34 -15.84
C ARG B 346 -12.15 -20.44 -16.17
N ASP B 347 -12.65 -21.60 -16.58
CA ASP B 347 -11.80 -22.73 -16.95
C ASP B 347 -10.96 -22.41 -18.17
N HIS B 348 -11.54 -21.64 -19.08
CA HIS B 348 -10.80 -21.27 -20.26
C HIS B 348 -9.63 -20.36 -19.91
N LEU B 349 -9.93 -19.28 -19.18
CA LEU B 349 -8.91 -18.33 -18.74
C LEU B 349 -7.79 -19.00 -17.97
N ILE B 350 -8.15 -20.00 -17.18
CA ILE B 350 -7.20 -20.72 -16.34
C ILE B 350 -6.28 -21.53 -17.22
N ALA B 351 -6.86 -22.11 -18.26
CA ALA B 351 -6.13 -22.95 -19.20
C ALA B 351 -5.17 -22.12 -20.02
N LYS B 352 -5.49 -20.83 -20.18
CA LYS B 352 -4.62 -19.92 -20.94
C LYS B 352 -3.65 -19.15 -20.04
N ASN B 353 -3.45 -19.66 -18.83
CA ASN B 353 -2.42 -19.21 -17.90
C ASN B 353 -2.71 -17.93 -17.12
N VAL B 354 -3.99 -17.56 -17.01
CA VAL B 354 -4.41 -16.57 -16.03
C VAL B 354 -4.45 -17.26 -14.65
N ALA B 355 -3.87 -16.63 -13.62
CA ALA B 355 -3.84 -17.23 -12.28
C ALA B 355 -5.24 -17.61 -11.86
N ALA B 356 -5.35 -18.79 -11.25
CA ALA B 356 -6.62 -19.43 -10.97
C ALA B 356 -7.58 -18.54 -10.20
N ASP B 357 -7.12 -17.94 -9.10
CA ASP B 357 -7.98 -17.06 -8.33
C ASP B 357 -8.35 -15.78 -9.11
N ILE B 358 -7.46 -15.28 -9.96
CA ILE B 358 -7.78 -14.10 -10.75
C ILE B 358 -8.93 -14.42 -11.70
N ALA B 359 -8.83 -15.56 -12.37
CA ALA B 359 -9.89 -15.99 -13.25
C ALA B 359 -11.19 -16.04 -12.47
N VAL B 360 -11.15 -16.56 -11.27
CA VAL B 360 -12.34 -16.62 -10.44
C VAL B 360 -12.91 -15.23 -10.15
N GLN B 361 -12.05 -14.33 -9.66
CA GLN B 361 -12.45 -12.96 -9.34
C GLN B 361 -12.94 -12.22 -10.57
N LEU B 362 -12.26 -12.48 -11.68
CA LEU B 362 -12.59 -11.87 -12.95
C LEU B 362 -14.01 -12.18 -13.34
N CYS B 363 -14.38 -13.46 -13.23
CA CYS B 363 -15.68 -13.91 -13.68
C CYS B 363 -16.77 -13.49 -12.71
N GLU B 364 -16.45 -13.46 -11.43
CA GLU B 364 -17.45 -13.00 -10.47
C GLU B 364 -17.76 -11.52 -10.66
N SER B 365 -16.79 -10.76 -11.16
CA SER B 365 -17.03 -9.36 -11.47
C SER B 365 -18.02 -9.28 -12.63
N VAL B 366 -17.75 -10.01 -13.70
CA VAL B 366 -18.69 -10.09 -14.82
C VAL B 366 -20.10 -10.50 -14.39
N ALA B 367 -20.21 -11.41 -13.43
CA ALA B 367 -21.53 -11.75 -12.89
C ALA B 367 -22.23 -10.54 -12.27
N ASN B 368 -21.58 -9.89 -11.30
CA ASN B 368 -22.12 -8.70 -10.66
C ASN B 368 -22.53 -7.61 -11.63
N LYS B 369 -21.69 -7.39 -12.63
CA LYS B 369 -21.96 -6.34 -13.60
C LYS B 369 -23.26 -6.63 -14.35
N LEU B 370 -23.51 -7.91 -14.68
CA LEU B 370 -24.64 -8.28 -15.55
C LEU B 370 -25.96 -8.58 -14.83
N GLU B 371 -25.90 -8.94 -13.54
CA GLU B 371 -27.08 -9.35 -12.81
C GLU B 371 -28.14 -8.25 -12.85
N GLY B 372 -29.37 -8.61 -13.21
CA GLY B 372 -30.48 -7.67 -13.25
C GLY B 372 -30.55 -6.81 -14.51
N LYS B 373 -29.63 -7.04 -15.45
CA LYS B 373 -29.68 -6.30 -16.70
C LYS B 373 -30.35 -7.18 -17.77
N VAL B 374 -30.91 -6.54 -18.80
CA VAL B 374 -31.49 -7.30 -19.90
C VAL B 374 -30.53 -7.37 -21.07
N MET B 375 -30.63 -8.42 -21.85
CA MET B 375 -29.72 -8.60 -22.98
C MET B 375 -30.21 -7.86 -24.20
N GLY B 376 -29.36 -7.83 -25.22
CA GLY B 376 -29.67 -7.13 -26.45
C GLY B 376 -30.59 -7.98 -27.28
N THR B 377 -31.11 -7.39 -28.35
CA THR B 377 -32.17 -8.02 -29.14
C THR B 377 -31.72 -9.38 -29.66
N PHE B 378 -30.50 -9.45 -30.18
CA PHE B 378 -30.03 -10.69 -30.76
C PHE B 378 -28.92 -11.38 -29.95
N SER B 379 -28.58 -10.82 -28.79
CA SER B 379 -27.52 -11.36 -27.93
C SER B 379 -27.92 -12.66 -27.26
N THR B 380 -26.94 -13.48 -26.87
CA THR B 380 -27.19 -14.65 -26.03
C THR B 380 -26.48 -14.47 -24.71
N VAL B 381 -26.78 -15.35 -23.76
CA VAL B 381 -26.15 -15.27 -22.46
C VAL B 381 -24.65 -15.47 -22.65
N THR B 382 -24.27 -16.36 -23.55
CA THR B 382 -22.83 -16.55 -23.83
C THR B 382 -22.15 -15.31 -24.44
N SER B 383 -22.69 -14.82 -25.55
CA SER B 383 -22.16 -13.65 -26.23
C SER B 383 -22.13 -12.42 -25.31
N THR B 384 -23.09 -12.35 -24.39
CA THR B 384 -23.16 -11.23 -23.45
C THR B 384 -22.02 -11.29 -22.43
N VAL B 385 -21.81 -12.44 -21.77
CA VAL B 385 -20.71 -12.50 -20.81
C VAL B 385 -19.38 -12.52 -21.53
N LYS B 386 -19.34 -13.06 -22.74
CA LYS B 386 -18.10 -13.07 -23.48
C LYS B 386 -17.66 -11.63 -23.71
N GLN B 387 -18.57 -10.79 -24.16
CA GLN B 387 -18.23 -9.39 -24.43
C GLN B 387 -17.87 -8.63 -23.17
N ALA B 388 -18.59 -8.90 -22.08
CA ALA B 388 -18.34 -8.26 -20.79
C ALA B 388 -16.93 -8.57 -20.29
N LEU B 389 -16.57 -9.85 -20.37
CA LEU B 389 -15.26 -10.33 -19.95
C LEU B 389 -14.18 -9.68 -20.77
N GLN B 390 -14.39 -9.63 -22.08
CA GLN B 390 -13.40 -9.01 -22.97
C GLN B 390 -13.16 -7.57 -22.61
N GLU B 391 -14.19 -6.84 -22.22
CA GLU B 391 -13.98 -5.43 -21.93
C GLU B 391 -13.19 -5.23 -20.66
N SER B 392 -13.48 -6.04 -19.64
CA SER B 392 -12.79 -5.87 -18.36
C SER B 392 -11.33 -6.31 -18.47
N LEU B 393 -11.08 -7.29 -19.34
CA LEU B 393 -9.73 -7.73 -19.65
C LEU B 393 -8.94 -6.62 -20.33
N VAL B 394 -9.55 -5.93 -21.29
CA VAL B 394 -8.84 -4.85 -21.93
C VAL B 394 -8.54 -3.77 -20.92
N GLN B 395 -9.47 -3.49 -20.01
CA GLN B 395 -9.22 -2.42 -19.05
C GLN B 395 -8.14 -2.74 -18.02
N ILE B 396 -7.99 -4.01 -17.69
CA ILE B 396 -6.97 -4.39 -16.73
C ILE B 396 -5.59 -4.23 -17.35
N LEU B 397 -5.49 -4.57 -18.64
CA LEU B 397 -4.21 -4.57 -19.35
C LEU B 397 -3.69 -3.20 -19.65
N GLN B 398 -4.58 -2.25 -19.89
CA GLN B 398 -4.15 -0.87 -20.06
C GLN B 398 -4.64 -0.05 -18.86
N PRO B 399 -3.77 0.15 -17.85
CA PRO B 399 -4.19 0.82 -16.62
C PRO B 399 -4.00 2.32 -16.70
N GLN B 400 -4.52 3.03 -15.70
CA GLN B 400 -4.59 4.48 -15.70
C GLN B 400 -3.23 5.13 -15.92
N ARG B 401 -2.28 4.74 -15.08
CA ARG B 401 -0.90 5.24 -15.15
C ARG B 401 -0.10 4.60 -16.28
N ARG B 402 0.27 5.39 -17.29
CA ARG B 402 1.21 4.93 -18.33
C ARG B 402 2.63 5.21 -17.85
N VAL B 403 3.63 4.68 -18.54
CA VAL B 403 5.01 5.02 -18.21
C VAL B 403 5.73 5.45 -19.47
N ASP B 404 5.78 6.76 -19.71
CA ASP B 404 6.51 7.27 -20.86
C ASP B 404 7.95 7.42 -20.43
N MET B 405 8.79 6.47 -20.83
CA MET B 405 10.12 6.46 -20.28
C MET B 405 11.05 7.52 -20.90
N LEU B 406 11.02 7.71 -22.22
CA LEU B 406 11.92 8.70 -22.82
C LEU B 406 11.55 10.09 -22.34
N ARG B 407 10.26 10.35 -22.19
CA ARG B 407 9.77 11.63 -21.67
C ARG B 407 10.28 11.87 -20.27
N ASP B 408 10.35 10.83 -19.46
CA ASP B 408 10.79 10.99 -18.08
C ASP B 408 12.28 11.27 -18.02
N ILE B 409 13.00 10.74 -19.00
CA ILE B 409 14.45 10.92 -19.11
C ILE B 409 14.73 12.32 -19.60
N MET B 410 13.91 12.82 -20.51
CA MET B 410 14.03 14.20 -20.97
C MET B 410 13.94 15.10 -19.76
N ASP B 411 12.99 14.81 -18.87
CA ASP B 411 12.79 15.65 -17.68
C ASP B 411 13.94 15.55 -16.70
N ALA B 412 14.60 14.39 -16.68
CA ALA B 412 15.68 14.14 -15.75
C ALA B 412 16.86 14.97 -16.16
N GLN B 413 16.96 15.19 -17.48
CA GLN B 413 18.03 15.95 -18.07
C GLN B 413 17.93 17.44 -17.74
N ARG B 414 16.71 17.93 -17.54
CA ARG B 414 16.56 19.33 -17.16
C ARG B 414 17.06 19.55 -15.74
N ARG B 415 16.91 18.55 -14.89
CA ARG B 415 17.32 18.67 -13.49
C ARG B 415 18.80 18.33 -13.31
N GLN B 416 19.45 17.94 -14.40
CA GLN B 416 20.88 17.65 -14.35
C GLN B 416 21.25 16.52 -13.38
N ARG B 417 20.35 15.53 -13.30
CA ARG B 417 20.59 14.29 -12.57
C ARG B 417 20.38 13.12 -13.52
N PRO B 418 20.99 11.98 -13.23
CA PRO B 418 20.72 10.79 -14.06
C PRO B 418 19.35 10.19 -13.74
N TYR B 419 18.83 9.44 -14.69
CA TYR B 419 17.55 8.77 -14.54
C TYR B 419 17.89 7.36 -14.13
N VAL B 420 17.47 6.97 -12.93
CA VAL B 420 17.83 5.66 -12.40
C VAL B 420 16.70 4.63 -12.49
N VAL B 421 16.99 3.51 -13.14
CA VAL B 421 16.03 2.43 -13.23
C VAL B 421 16.61 1.20 -12.51
N THR B 422 15.81 0.59 -11.64
CA THR B 422 16.21 -0.63 -10.99
C THR B 422 15.40 -1.79 -11.54
N PHE B 423 16.08 -2.82 -12.05
CA PHE B 423 15.39 -4.05 -12.39
C PHE B 423 15.47 -5.04 -11.20
N CYS B 424 14.40 -5.78 -10.97
CA CYS B 424 14.40 -6.83 -9.95
C CYS B 424 13.40 -7.93 -10.29
N GLY B 425 13.50 -9.06 -9.62
CA GLY B 425 12.63 -10.19 -9.94
C GLY B 425 13.28 -11.48 -9.47
N VAL B 426 12.51 -12.58 -9.51
CA VAL B 426 13.03 -13.87 -9.08
C VAL B 426 14.03 -14.46 -10.08
N ASN B 427 14.53 -15.66 -9.81
CA ASN B 427 15.68 -16.17 -10.56
C ASN B 427 15.43 -16.58 -12.02
N GLY B 428 16.31 -16.13 -12.89
CA GLY B 428 16.31 -16.54 -14.28
C GLY B 428 15.18 -16.01 -15.15
N VAL B 429 14.46 -15.00 -14.68
CA VAL B 429 13.31 -14.50 -15.43
C VAL B 429 13.69 -13.64 -16.63
N GLY B 430 14.90 -13.09 -16.61
CA GLY B 430 15.39 -12.28 -17.71
C GLY B 430 15.78 -10.84 -17.40
N LYS B 431 16.07 -10.54 -16.13
CA LYS B 431 16.49 -9.21 -15.69
C LYS B 431 17.66 -8.69 -16.50
N SER B 432 18.81 -9.37 -16.36
CA SER B 432 20.04 -8.96 -17.04
C SER B 432 19.91 -8.77 -18.55
N THR B 433 19.31 -9.75 -19.23
CA THR B 433 19.18 -9.68 -20.68
C THR B 433 18.21 -8.60 -21.17
N ASN B 434 17.14 -8.36 -20.43
CA ASN B 434 16.22 -7.32 -20.86
C ASN B 434 16.73 -5.94 -20.47
N LEU B 435 17.58 -5.90 -19.44
CA LEU B 435 18.27 -4.66 -19.13
C LEU B 435 19.18 -4.29 -20.32
N ALA B 436 19.76 -5.30 -20.96
CA ALA B 436 20.60 -5.01 -22.10
C ALA B 436 19.75 -4.50 -23.27
N LYS B 437 18.61 -5.14 -23.54
CA LYS B 437 17.72 -4.73 -24.62
C LYS B 437 17.26 -3.28 -24.45
N ILE B 438 16.95 -2.92 -23.21
CA ILE B 438 16.47 -1.58 -22.93
C ILE B 438 17.58 -0.56 -23.12
N SER B 439 18.81 -0.94 -22.78
CA SER B 439 19.97 -0.10 -23.06
C SER B 439 20.03 0.19 -24.54
N PHE B 440 19.92 -0.85 -25.35
CA PHE B 440 20.01 -0.71 -26.79
C PHE B 440 18.98 0.28 -27.30
N TRP B 441 17.77 0.20 -26.74
CA TRP B 441 16.67 1.07 -27.15
C TRP B 441 16.96 2.52 -26.78
N LEU B 442 17.48 2.71 -25.57
CA LEU B 442 17.85 4.01 -25.10
C LEU B 442 18.96 4.60 -26.00
N LEU B 443 20.00 3.82 -26.26
CA LEU B 443 21.11 4.30 -27.11
C LEU B 443 20.61 4.68 -28.49
N GLU B 444 19.62 3.95 -28.96
CA GLU B 444 19.06 4.13 -30.29
C GLU B 444 18.31 5.45 -30.38
N ASN B 445 17.83 5.93 -29.24
CA ASN B 445 17.18 7.23 -29.14
C ASN B 445 18.12 8.34 -28.73
N GLY B 446 19.38 7.98 -28.52
CA GLY B 446 20.44 8.96 -28.30
C GLY B 446 20.72 9.32 -26.85
N PHE B 447 20.38 8.44 -25.91
CA PHE B 447 20.72 8.67 -24.51
C PHE B 447 21.91 7.81 -24.13
N SER B 448 22.75 8.27 -23.20
CA SER B 448 23.87 7.46 -22.75
C SER B 448 23.47 6.69 -21.52
N VAL B 449 23.87 5.44 -21.43
CA VAL B 449 23.47 4.61 -20.30
C VAL B 449 24.68 3.97 -19.62
N LEU B 450 24.71 4.12 -18.30
CA LEU B 450 25.67 3.44 -17.45
C LEU B 450 24.95 2.23 -16.83
N ILE B 451 25.45 1.04 -17.11
CA ILE B 451 24.93 -0.21 -16.52
C ILE B 451 25.61 -0.50 -15.19
N ALA B 452 24.83 -0.58 -14.12
CA ALA B 452 25.38 -0.81 -12.80
C ALA B 452 25.27 -2.28 -12.44
N ALA B 453 26.42 -2.95 -12.27
CA ALA B 453 26.42 -4.39 -12.02
C ALA B 453 26.18 -4.71 -10.54
N CYS B 454 24.94 -4.71 -10.12
CA CYS B 454 24.67 -4.84 -8.70
C CYS B 454 24.17 -6.21 -8.33
N ASP B 455 24.26 -7.16 -9.25
CA ASP B 455 24.23 -8.56 -8.88
C ASP B 455 25.67 -8.86 -8.58
N THR B 456 26.01 -8.90 -7.30
CA THR B 456 27.39 -9.17 -6.93
C THR B 456 27.50 -10.57 -6.43
N PHE B 457 26.51 -11.40 -6.73
CA PHE B 457 26.46 -12.74 -6.14
C PHE B 457 26.59 -13.88 -7.14
N ARG B 458 25.66 -13.97 -8.09
CA ARG B 458 25.58 -15.12 -8.97
C ARG B 458 26.80 -15.25 -9.86
N ALA B 459 27.31 -16.48 -9.99
CA ALA B 459 28.48 -16.73 -10.83
C ALA B 459 28.28 -16.21 -12.24
N GLY B 460 29.27 -15.47 -12.74
CA GLY B 460 29.19 -14.94 -14.08
C GLY B 460 28.32 -13.71 -14.34
N ALA B 461 27.71 -13.15 -13.29
CA ALA B 461 26.86 -11.96 -13.46
C ALA B 461 27.62 -10.77 -14.02
N VAL B 462 28.80 -10.51 -13.47
CA VAL B 462 29.57 -9.39 -13.99
C VAL B 462 30.04 -9.63 -15.42
N GLU B 463 30.61 -10.79 -15.71
CA GLU B 463 31.07 -11.06 -17.06
C GLU B 463 29.94 -11.05 -18.07
N GLN B 464 28.75 -11.43 -17.63
CA GLN B 464 27.55 -11.37 -18.47
C GLN B 464 27.26 -9.94 -18.91
N LEU B 465 27.18 -9.02 -17.95
CA LEU B 465 26.97 -7.60 -18.25
C LEU B 465 28.15 -7.00 -19.00
N ARG B 466 29.36 -7.46 -18.74
CA ARG B 466 30.51 -6.96 -19.49
C ARG B 466 30.35 -7.30 -20.95
N THR B 467 29.90 -8.52 -21.23
CA THR B 467 29.72 -8.96 -22.60
C THR B 467 28.71 -8.05 -23.29
N HIS B 468 27.66 -7.71 -22.57
CA HIS B 468 26.64 -6.84 -23.13
C HIS B 468 27.21 -5.46 -23.41
N THR B 469 27.92 -4.90 -22.43
CA THR B 469 28.48 -3.56 -22.62
C THR B 469 29.42 -3.56 -23.82
N ARG B 470 30.21 -4.60 -23.98
CA ARG B 470 31.09 -4.69 -25.14
C ARG B 470 30.29 -4.71 -26.44
N ARG B 471 29.23 -5.51 -26.47
CA ARG B 471 28.39 -5.66 -27.67
C ARG B 471 27.71 -4.33 -28.06
N LEU B 472 27.22 -3.61 -27.05
CA LEU B 472 26.51 -2.34 -27.24
C LEU B 472 27.42 -1.21 -27.71
N SER B 473 28.57 -1.03 -27.08
CA SER B 473 29.50 0.05 -27.49
C SER B 473 30.28 -0.27 -28.74
N ALA B 474 29.95 -1.37 -29.39
CA ALA B 474 30.46 -1.67 -30.70
C ALA B 474 29.41 -1.20 -31.69
N LEU B 475 28.15 -1.35 -31.30
CA LEU B 475 27.01 -0.83 -32.04
C LEU B 475 26.92 0.67 -31.85
N HIS B 476 27.31 1.15 -30.69
CA HIS B 476 27.27 2.58 -30.42
C HIS B 476 28.61 3.14 -29.95
N PRO B 477 29.65 3.06 -30.82
CA PRO B 477 30.99 3.53 -30.51
C PRO B 477 31.09 5.04 -30.41
N PRO B 478 32.14 5.54 -29.77
CA PRO B 478 32.37 6.98 -29.74
C PRO B 478 32.43 7.64 -31.12
N GLU B 479 32.98 6.98 -32.14
CA GLU B 479 33.11 7.58 -33.48
C GLU B 479 31.77 7.83 -34.15
N LYS B 480 30.71 7.29 -33.58
CA LYS B 480 29.36 7.50 -34.08
C LYS B 480 28.56 8.42 -33.18
N HIS B 481 29.20 9.01 -32.20
CA HIS B 481 28.50 9.91 -31.30
C HIS B 481 29.36 11.08 -30.87
N GLY B 482 30.12 11.65 -31.80
CA GLY B 482 30.92 12.84 -31.51
C GLY B 482 32.00 12.68 -30.45
N GLY B 483 32.39 11.44 -30.19
CA GLY B 483 33.52 11.17 -29.33
C GLY B 483 33.09 10.77 -27.94
N ARG B 484 31.81 10.94 -27.65
CA ARG B 484 31.26 10.61 -26.35
C ARG B 484 31.23 9.10 -26.15
N THR B 485 31.50 8.63 -24.94
CA THR B 485 31.23 7.23 -24.61
C THR B 485 29.76 7.12 -24.26
N MET B 486 29.04 6.19 -24.90
CA MET B 486 27.60 6.12 -24.68
C MET B 486 27.14 4.98 -23.77
N VAL B 487 27.86 3.86 -23.72
CA VAL B 487 27.60 2.84 -22.72
C VAL B 487 28.85 2.54 -21.95
N GLN B 488 28.68 2.20 -20.69
CA GLN B 488 29.80 1.81 -19.87
C GLN B 488 29.34 0.97 -18.69
N LEU B 489 30.14 -0.02 -18.32
CA LEU B 489 29.77 -0.86 -17.18
C LEU B 489 30.39 -0.33 -15.90
N PHE B 490 29.57 -0.19 -14.86
CA PHE B 490 30.08 0.08 -13.53
C PHE B 490 29.99 -1.19 -12.71
N GLU B 491 31.17 -1.70 -12.34
CA GLU B 491 31.31 -2.99 -11.67
C GLU B 491 32.38 -2.88 -10.59
N LYS B 492 32.10 -3.47 -9.43
CA LYS B 492 33.08 -3.63 -8.37
C LYS B 492 33.21 -5.11 -8.03
N GLY B 493 33.00 -5.93 -9.07
CA GLY B 493 33.12 -7.38 -8.96
C GLY B 493 32.20 -8.02 -7.94
N TYR B 494 32.52 -9.27 -7.59
CA TYR B 494 31.65 -10.06 -6.73
C TYR B 494 31.91 -9.78 -5.27
N GLY B 495 30.88 -9.93 -4.46
CA GLY B 495 31.01 -10.01 -3.01
C GLY B 495 30.64 -8.79 -2.20
N LYS B 496 30.40 -7.69 -2.89
CA LYS B 496 30.18 -6.40 -2.24
C LYS B 496 28.69 -6.12 -2.09
N ASP B 497 28.35 -5.16 -1.23
CA ASP B 497 26.96 -4.79 -0.97
C ASP B 497 26.34 -4.13 -2.19
N ALA B 498 25.21 -4.69 -2.64
CA ALA B 498 24.60 -4.28 -3.89
C ALA B 498 24.21 -2.82 -3.83
N ALA B 499 23.66 -2.43 -2.68
CA ALA B 499 23.12 -1.10 -2.52
C ALA B 499 24.23 -0.05 -2.62
N GLY B 500 25.39 -0.39 -2.10
CA GLY B 500 26.49 0.54 -2.09
C GLY B 500 27.12 0.68 -3.44
N ILE B 501 27.03 -0.37 -4.23
CA ILE B 501 27.58 -0.30 -5.57
C ILE B 501 26.64 0.56 -6.39
N ALA B 502 25.34 0.31 -6.26
CA ALA B 502 24.31 1.12 -6.92
C ALA B 502 24.51 2.59 -6.56
N MET B 503 24.76 2.88 -5.30
CA MET B 503 25.04 4.24 -4.88
C MET B 503 26.27 4.88 -5.54
N GLU B 504 27.37 4.13 -5.65
CA GLU B 504 28.60 4.65 -6.24
C GLU B 504 28.44 4.82 -7.75
N ALA B 505 27.59 3.99 -8.35
CA ALA B 505 27.32 4.05 -9.79
C ALA B 505 26.52 5.31 -10.12
N ILE B 506 25.45 5.55 -9.37
CA ILE B 506 24.61 6.71 -9.59
C ILE B 506 25.48 7.95 -9.40
N ALA B 507 26.32 7.91 -8.38
CA ALA B 507 27.28 8.99 -8.12
C ALA B 507 28.23 9.18 -9.28
N PHE B 508 28.64 8.07 -9.90
CA PHE B 508 29.57 8.09 -11.02
C PHE B 508 28.87 8.66 -12.23
N ALA B 509 27.66 8.20 -12.51
CA ALA B 509 26.89 8.70 -13.67
C ALA B 509 26.71 10.18 -13.67
N ARG B 510 26.45 10.75 -12.49
CA ARG B 510 26.32 12.18 -12.35
C ARG B 510 27.60 12.89 -12.79
N ASN B 511 28.75 12.35 -12.39
CA ASN B 511 30.01 13.04 -12.62
C ASN B 511 30.63 12.82 -13.97
N GLN B 512 30.21 11.76 -14.65
CA GLN B 512 30.79 11.42 -15.94
C GLN B 512 29.81 11.69 -17.05
N GLY B 513 28.61 12.13 -16.69
CA GLY B 513 27.62 12.53 -17.65
C GLY B 513 26.94 11.37 -18.33
N PHE B 514 26.35 10.50 -17.54
CA PHE B 514 25.55 9.45 -18.12
C PHE B 514 24.10 9.78 -17.88
N ASP B 515 23.31 9.67 -18.95
CA ASP B 515 21.92 10.11 -18.95
C ASP B 515 21.07 9.17 -18.09
N VAL B 516 21.30 7.87 -18.22
CA VAL B 516 20.51 6.87 -17.54
C VAL B 516 21.44 5.90 -16.80
N VAL B 517 21.05 5.51 -15.59
CA VAL B 517 21.69 4.38 -14.93
C VAL B 517 20.69 3.26 -14.88
N LEU B 518 21.05 2.08 -15.40
CA LEU B 518 20.21 0.89 -15.28
C LEU B 518 20.84 -0.04 -14.27
N VAL B 519 20.20 -0.20 -13.11
CA VAL B 519 20.72 -1.05 -12.05
C VAL B 519 20.23 -2.48 -12.20
N ASP B 520 21.14 -3.41 -12.49
CA ASP B 520 20.82 -4.83 -12.51
C ASP B 520 20.90 -5.33 -11.07
N THR B 521 19.94 -6.14 -10.61
CA THR B 521 20.04 -6.77 -9.28
C THR B 521 19.98 -8.30 -9.33
N ALA B 522 20.48 -9.00 -8.31
CA ALA B 522 20.50 -10.47 -8.33
C ALA B 522 19.11 -11.08 -8.19
N GLY B 523 18.94 -12.27 -8.74
CA GLY B 523 17.68 -12.98 -8.62
C GLY B 523 17.47 -13.49 -7.19
N ARG B 524 16.27 -13.30 -6.66
CA ARG B 524 15.95 -13.72 -5.30
C ARG B 524 14.53 -14.32 -5.26
N MET B 525 14.26 -15.24 -4.33
CA MET B 525 12.90 -15.78 -4.15
C MET B 525 12.09 -14.78 -3.36
N GLN B 526 10.80 -14.63 -3.68
CA GLN B 526 10.00 -13.55 -3.09
C GLN B 526 9.82 -13.67 -1.59
N ASP B 527 10.08 -14.83 -1.02
CA ASP B 527 9.95 -14.95 0.42
C ASP B 527 11.24 -15.32 1.14
N ASN B 528 12.36 -14.90 0.56
CA ASN B 528 13.65 -14.97 1.22
C ASN B 528 13.86 -13.64 1.96
N ALA B 529 13.48 -13.60 3.23
CA ALA B 529 13.54 -12.38 4.00
C ALA B 529 14.85 -11.60 3.86
N PRO B 530 15.99 -12.24 4.17
CA PRO B 530 17.25 -11.50 4.00
C PRO B 530 17.42 -10.87 2.63
N LEU B 531 17.08 -11.58 1.56
CA LEU B 531 17.31 -11.05 0.22
C LEU B 531 16.30 -9.95 -0.16
N MET B 532 15.08 -10.08 0.33
CA MET B 532 14.06 -9.07 0.01
C MET B 532 14.36 -7.79 0.75
N THR B 533 14.87 -7.89 1.97
CA THR B 533 15.33 -6.69 2.67
C THR B 533 16.51 -6.03 1.95
N ALA B 534 17.46 -6.82 1.48
CA ALA B 534 18.57 -6.29 0.68
C ALA B 534 18.05 -5.49 -0.51
N LEU B 535 17.09 -6.06 -1.25
CA LEU B 535 16.49 -5.42 -2.40
C LEU B 535 15.80 -4.13 -1.99
N ALA B 536 15.07 -4.18 -0.88
CA ALA B 536 14.39 -3.00 -0.36
C ALA B 536 15.38 -1.90 0.03
N LYS B 537 16.50 -2.31 0.61
CA LYS B 537 17.54 -1.39 1.03
C LYS B 537 18.15 -0.67 -0.17
N LEU B 538 18.44 -1.42 -1.24
CA LEU B 538 18.99 -0.81 -2.44
C LEU B 538 18.05 0.27 -2.99
N ILE B 539 16.75 -0.01 -2.92
CA ILE B 539 15.76 0.91 -3.43
C ILE B 539 15.54 2.11 -2.51
N THR B 540 15.43 1.85 -1.22
CA THR B 540 15.24 2.94 -0.26
C THR B 540 16.42 3.90 -0.23
N VAL B 541 17.62 3.33 -0.21
CA VAL B 541 18.85 4.12 -0.20
C VAL B 541 19.08 4.95 -1.48
N ASN B 542 18.77 4.41 -2.65
CA ASN B 542 19.10 5.10 -3.89
C ASN B 542 17.94 5.80 -4.59
N THR B 543 16.73 5.63 -4.05
CA THR B 543 15.50 6.23 -4.58
C THR B 543 15.44 6.33 -6.09
N PRO B 544 15.55 5.18 -6.79
CA PRO B 544 15.49 5.19 -8.26
C PRO B 544 14.20 5.81 -8.77
N ASP B 545 14.24 6.31 -9.99
CA ASP B 545 13.09 6.96 -10.62
C ASP B 545 12.06 5.93 -11.02
N LEU B 546 12.51 4.71 -11.20
CA LEU B 546 11.63 3.70 -11.74
C LEU B 546 12.09 2.33 -11.28
N VAL B 547 11.26 1.63 -10.51
CA VAL B 547 11.55 0.26 -10.14
C VAL B 547 10.76 -0.64 -11.08
N LEU B 548 11.43 -1.53 -11.79
CA LEU B 548 10.69 -2.37 -12.70
C LEU B 548 10.74 -3.83 -12.23
N PHE B 549 9.56 -4.43 -12.06
CA PHE B 549 9.49 -5.86 -11.75
C PHE B 549 9.59 -6.60 -13.08
N VAL B 550 10.44 -7.61 -13.12
CA VAL B 550 10.61 -8.44 -14.32
C VAL B 550 10.06 -9.84 -14.06
N GLY B 551 9.09 -10.27 -14.85
CA GLY B 551 8.50 -11.59 -14.68
C GLY B 551 8.33 -12.37 -15.97
N GLU B 552 8.61 -13.67 -15.96
CA GLU B 552 8.49 -14.47 -17.17
C GLU B 552 7.01 -14.78 -17.46
N ALA B 553 6.63 -14.74 -18.72
CA ALA B 553 5.26 -14.98 -19.13
C ALA B 553 4.91 -16.46 -19.00
N LEU B 554 5.94 -17.28 -18.75
CA LEU B 554 5.79 -18.73 -18.56
C LEU B 554 5.27 -19.04 -17.18
N VAL B 555 5.45 -18.09 -16.26
CA VAL B 555 5.15 -18.30 -14.87
C VAL B 555 3.65 -18.58 -14.69
N GLY B 556 3.30 -19.28 -13.61
CA GLY B 556 1.92 -19.66 -13.39
C GLY B 556 1.24 -18.78 -12.38
N ASN B 557 0.68 -19.42 -11.36
CA ASN B 557 0.04 -18.71 -10.27
C ASN B 557 1.06 -17.95 -9.47
N GLU B 558 2.32 -18.29 -9.70
CA GLU B 558 3.40 -17.65 -8.99
C GLU B 558 3.50 -16.17 -9.34
N ALA B 559 2.89 -15.78 -10.46
CA ALA B 559 2.91 -14.39 -10.92
C ALA B 559 2.33 -13.49 -9.84
N VAL B 560 1.16 -13.89 -9.33
CA VAL B 560 0.53 -13.18 -8.24
C VAL B 560 1.38 -13.12 -6.95
N ASP B 561 1.86 -14.24 -6.45
CA ASP B 561 2.62 -14.22 -5.21
C ASP B 561 3.91 -13.40 -5.32
N GLN B 562 4.64 -13.55 -6.42
CA GLN B 562 5.86 -12.80 -6.62
C GLN B 562 5.60 -11.30 -6.50
N LEU B 563 4.52 -10.82 -7.08
CA LEU B 563 4.29 -9.39 -7.06
C LEU B 563 3.79 -8.92 -5.70
N VAL B 564 2.84 -9.66 -5.13
CA VAL B 564 2.31 -9.31 -3.82
C VAL B 564 3.43 -9.16 -2.79
N LYS B 565 4.36 -10.12 -2.79
CA LYS B 565 5.38 -10.17 -1.77
C LYS B 565 6.52 -9.21 -2.06
N PHE B 566 6.84 -8.99 -3.33
CA PHE B 566 7.81 -7.96 -3.68
C PHE B 566 7.27 -6.61 -3.24
N ASN B 567 6.03 -6.32 -3.60
CA ASN B 567 5.43 -5.04 -3.22
C ASN B 567 5.27 -4.92 -1.71
N ARG B 568 4.97 -6.04 -1.06
CA ARG B 568 4.86 -6.03 0.39
C ARG B 568 6.22 -5.79 1.05
N ALA B 569 7.30 -6.26 0.43
CA ALA B 569 8.66 -6.08 0.98
C ALA B 569 9.18 -4.66 0.85
N LEU B 570 8.89 -4.02 -0.29
CA LEU B 570 9.26 -2.63 -0.50
C LEU B 570 8.48 -1.69 0.44
N ALA B 571 7.35 -2.15 0.93
CA ALA B 571 6.51 -1.29 1.76
C ALA B 571 6.78 -1.46 3.27
N ASP B 572 7.30 -2.61 3.68
CA ASP B 572 7.57 -2.89 5.09
C ASP B 572 9.00 -2.51 5.50
N HIS B 573 9.97 -2.82 4.63
CA HIS B 573 11.37 -2.52 4.90
C HIS B 573 11.69 -1.14 4.36
N SER B 574 10.67 -0.28 4.38
CA SER B 574 10.77 1.13 4.01
C SER B 574 10.28 1.99 5.18
N MET B 575 10.94 3.12 5.37
CA MET B 575 10.57 4.02 6.47
C MET B 575 10.11 5.38 5.89
N ALA B 576 9.17 5.33 4.95
CA ALA B 576 8.60 6.53 4.36
C ALA B 576 7.10 6.55 4.64
N GLN B 577 6.45 7.65 4.30
CA GLN B 577 5.01 7.77 4.57
C GLN B 577 4.25 7.07 3.48
N THR B 578 4.55 7.45 2.25
CA THR B 578 4.08 6.71 1.08
C THR B 578 5.32 6.09 0.46
N PRO B 579 5.50 4.78 0.65
CA PRO B 579 6.74 4.10 0.30
C PRO B 579 6.80 3.80 -1.19
N ARG B 580 8.02 3.65 -1.70
CA ARG B 580 8.24 3.49 -3.12
C ARG B 580 8.02 2.06 -3.51
N LEU B 581 6.93 1.78 -4.22
CA LEU B 581 6.63 0.43 -4.70
C LEU B 581 7.08 0.18 -6.15
N ILE B 582 6.67 -0.96 -6.69
CA ILE B 582 6.98 -1.35 -8.05
C ILE B 582 6.19 -0.51 -9.02
N ASP B 583 6.89 0.06 -10.00
CA ASP B 583 6.33 1.07 -10.90
C ASP B 583 5.79 0.49 -12.18
N GLY B 584 6.30 -0.66 -12.57
CA GLY B 584 5.95 -1.17 -13.88
C GLY B 584 6.57 -2.52 -14.04
N ILE B 585 6.09 -3.24 -15.05
CA ILE B 585 6.39 -4.65 -15.24
C ILE B 585 7.09 -4.86 -16.58
N VAL B 586 8.07 -5.75 -16.62
CA VAL B 586 8.63 -6.23 -17.89
C VAL B 586 8.29 -7.72 -18.02
N LEU B 587 7.33 -8.03 -18.90
CA LEU B 587 6.88 -9.39 -19.13
C LEU B 587 7.74 -10.03 -20.22
N THR B 588 8.51 -11.04 -19.82
CA THR B 588 9.50 -11.65 -20.69
C THR B 588 9.08 -13.01 -21.24
N LYS B 589 9.83 -13.51 -22.22
CA LYS B 589 9.64 -14.85 -22.75
C LYS B 589 8.25 -15.02 -23.32
N PHE B 590 7.71 -13.92 -23.82
CA PHE B 590 6.38 -13.93 -24.41
C PHE B 590 6.37 -14.79 -25.66
N ASP B 591 7.55 -15.00 -26.24
CA ASP B 591 7.68 -15.79 -27.44
C ASP B 591 7.59 -17.28 -27.16
N THR B 592 7.52 -17.67 -25.89
CA THR B 592 7.49 -19.08 -25.52
C THR B 592 6.10 -19.61 -25.13
N ILE B 593 5.15 -18.71 -24.96
CA ILE B 593 3.86 -19.10 -24.39
C ILE B 593 2.75 -19.30 -25.41
N ASP B 594 3.04 -19.09 -26.69
CA ASP B 594 2.03 -19.22 -27.74
C ASP B 594 0.91 -18.23 -27.47
N ASP B 595 -0.32 -18.72 -27.31
CA ASP B 595 -1.42 -17.84 -26.84
C ASP B 595 -1.85 -18.09 -25.41
N LYS B 596 -1.15 -18.94 -24.67
CA LYS B 596 -1.36 -19.04 -23.22
C LYS B 596 -0.72 -17.79 -22.61
N VAL B 597 -1.34 -16.66 -22.93
CA VAL B 597 -0.80 -15.33 -22.74
C VAL B 597 -1.22 -14.73 -21.38
N GLY B 598 -1.81 -15.58 -20.56
CA GLY B 598 -2.52 -15.14 -19.39
C GLY B 598 -1.74 -14.47 -18.29
N ALA B 599 -0.44 -14.70 -18.25
CA ALA B 599 0.35 -14.19 -17.15
C ALA B 599 0.29 -12.67 -17.14
N ALA B 600 0.07 -12.08 -18.33
CA ALA B 600 -0.07 -10.64 -18.45
C ALA B 600 -1.25 -10.10 -17.64
N ILE B 601 -2.34 -10.86 -17.64
CA ILE B 601 -3.53 -10.48 -16.87
C ILE B 601 -3.24 -10.64 -15.38
N SER B 602 -2.57 -11.73 -15.03
CA SER B 602 -2.24 -12.04 -13.63
C SER B 602 -1.46 -10.88 -13.01
N MET B 603 -0.48 -10.35 -13.75
CA MET B 603 0.39 -9.31 -13.19
C MET B 603 -0.26 -7.93 -13.12
N THR B 604 -0.90 -7.49 -14.21
CA THR B 604 -1.55 -6.19 -14.20
C THR B 604 -2.83 -6.15 -13.36
N TYR B 605 -3.26 -7.29 -12.84
CA TYR B 605 -4.46 -7.30 -12.04
C TYR B 605 -4.16 -6.95 -10.58
N ILE B 606 -3.07 -7.48 -10.03
CA ILE B 606 -2.71 -7.21 -8.64
C ILE B 606 -2.01 -5.88 -8.49
N THR B 607 -0.83 -5.74 -9.07
CA THR B 607 -0.26 -4.40 -9.23
C THR B 607 -1.23 -3.74 -10.18
N SER B 608 -1.56 -2.48 -9.98
CA SER B 608 -2.36 -1.85 -11.01
C SER B 608 -1.44 -0.98 -11.85
N LYS B 609 -0.28 -1.56 -12.16
CA LYS B 609 0.79 -0.90 -12.88
C LYS B 609 0.87 -1.46 -14.30
N PRO B 610 1.49 -0.71 -15.23
CA PRO B 610 1.46 -1.15 -16.62
C PRO B 610 2.59 -2.11 -16.98
N ILE B 611 2.34 -2.98 -17.95
CA ILE B 611 3.41 -3.77 -18.55
C ILE B 611 4.15 -2.82 -19.47
N VAL B 612 5.35 -2.42 -19.06
CA VAL B 612 6.07 -1.36 -19.73
C VAL B 612 6.74 -1.81 -21.03
N PHE B 613 7.27 -3.03 -21.00
CA PHE B 613 7.80 -3.70 -22.19
C PHE B 613 7.44 -5.19 -22.19
N VAL B 614 7.27 -5.75 -23.38
CA VAL B 614 7.15 -7.21 -23.48
C VAL B 614 8.42 -7.73 -24.13
N GLY B 615 8.99 -8.78 -23.54
CA GLY B 615 10.19 -9.38 -24.08
C GLY B 615 9.81 -10.55 -24.96
N THR B 616 10.31 -10.55 -26.18
CA THR B 616 9.90 -11.54 -27.15
C THR B 616 11.02 -12.32 -27.79
N GLY B 617 12.13 -12.45 -27.07
CA GLY B 617 13.23 -13.21 -27.61
C GLY B 617 14.52 -12.89 -26.90
N GLN B 618 15.64 -13.28 -27.50
CA GLN B 618 16.87 -13.20 -26.77
C GLN B 618 17.82 -12.15 -27.31
N THR B 619 17.45 -11.50 -28.41
CA THR B 619 18.32 -10.48 -28.98
C THR B 619 17.85 -9.10 -28.59
N TYR B 620 18.68 -8.09 -28.87
CA TYR B 620 18.38 -6.72 -28.53
C TYR B 620 17.15 -6.17 -29.22
N CYS B 621 16.83 -6.75 -30.37
CA CYS B 621 15.71 -6.31 -31.19
C CYS B 621 14.37 -6.78 -30.62
N ASP B 622 14.41 -7.76 -29.72
CA ASP B 622 13.21 -8.47 -29.26
C ASP B 622 12.53 -7.79 -28.07
N LEU B 623 12.17 -6.53 -28.26
CA LEU B 623 11.52 -5.75 -27.21
C LEU B 623 10.27 -5.16 -27.83
N ARG B 624 9.11 -5.41 -27.23
CA ARG B 624 7.85 -4.90 -27.77
C ARG B 624 7.11 -4.09 -26.72
N SER B 625 6.24 -3.19 -27.18
CA SER B 625 5.25 -2.54 -26.32
C SER B 625 4.14 -3.55 -26.10
N LEU B 626 3.15 -3.22 -25.28
CA LEU B 626 2.06 -4.17 -25.07
C LEU B 626 0.77 -3.73 -25.72
N ASN B 627 0.35 -4.46 -26.75
CA ASN B 627 -0.91 -4.19 -27.43
C ASN B 627 -2.07 -4.85 -26.69
N ALA B 628 -2.72 -4.09 -25.81
CA ALA B 628 -3.75 -4.61 -24.95
C ALA B 628 -4.93 -5.22 -25.71
N LYS B 629 -5.41 -4.54 -26.76
CA LYS B 629 -6.45 -5.14 -27.60
C LYS B 629 -6.05 -6.50 -28.16
N ALA B 630 -4.83 -6.62 -28.66
CA ALA B 630 -4.40 -7.87 -29.31
C ALA B 630 -4.02 -8.98 -28.33
N VAL B 631 -3.61 -8.66 -27.11
CA VAL B 631 -3.32 -9.71 -26.15
C VAL B 631 -4.65 -10.32 -25.69
N VAL B 632 -5.62 -9.47 -25.38
CA VAL B 632 -6.95 -9.94 -25.02
C VAL B 632 -7.57 -10.78 -26.13
N ALA B 633 -7.34 -10.41 -27.38
CA ALA B 633 -7.80 -11.19 -28.55
C ALA B 633 -7.27 -12.63 -28.54
N ALA B 634 -5.98 -12.78 -28.24
CA ALA B 634 -5.33 -14.08 -28.15
C ALA B 634 -5.86 -14.90 -26.99
N LEU B 635 -6.21 -14.22 -25.90
CA LEU B 635 -6.73 -14.86 -24.70
C LEU B 635 -8.16 -15.32 -24.89
N MET B 636 -8.94 -14.59 -25.68
CA MET B 636 -10.34 -14.96 -25.89
C MET B 636 -10.53 -16.09 -26.89
N LYS B 637 -9.50 -16.38 -27.68
CA LYS B 637 -9.72 -17.23 -28.84
C LYS B 637 -9.84 -18.75 -28.66
N ALA B 638 -8.76 -19.40 -28.21
CA ALA B 638 -8.58 -20.88 -28.27
C ALA B 638 -9.77 -21.62 -28.84
N ASN C 30 30.49 31.10 7.98
CA ASN C 30 29.76 30.59 9.14
C ASN C 30 28.29 31.06 9.16
N GLU C 31 27.97 32.00 8.28
CA GLU C 31 26.61 32.53 8.17
C GLU C 31 25.64 31.52 7.57
N GLU C 32 26.20 30.52 6.88
CA GLU C 32 25.40 29.52 6.18
C GLU C 32 25.12 28.26 7.03
N VAL C 33 25.98 27.99 8.01
CA VAL C 33 25.80 26.84 8.92
C VAL C 33 24.90 27.18 10.11
N LEU C 34 24.83 28.46 10.45
CA LEU C 34 23.84 28.91 11.42
C LEU C 34 22.47 28.70 10.83
N ASN C 35 22.27 29.21 9.62
CA ASN C 35 20.99 29.14 8.93
C ASN C 35 20.52 27.71 8.60
N ALA C 36 21.45 26.83 8.23
CA ALA C 36 21.10 25.46 7.90
C ALA C 36 20.54 24.73 9.13
N MET C 37 21.15 24.94 10.29
CA MET C 37 20.65 24.39 11.56
C MET C 37 19.42 25.13 12.10
N LEU C 38 19.18 26.33 11.56
CA LEU C 38 18.09 27.18 12.01
C LEU C 38 16.85 26.96 11.14
N LYS C 39 17.05 26.73 9.85
CA LYS C 39 15.93 26.42 8.95
C LYS C 39 15.46 24.99 9.20
N GLU C 40 16.31 24.20 9.85
CA GLU C 40 16.00 22.83 10.23
C GLU C 40 15.16 22.80 11.50
N VAL C 41 15.31 23.85 12.29
CA VAL C 41 14.51 24.03 13.50
C VAL C 41 13.20 24.76 13.17
N CYS C 42 13.26 25.71 12.23
CA CYS C 42 12.05 26.35 11.72
C CYS C 42 11.10 25.30 11.14
N THR C 43 11.67 24.30 10.50
CA THR C 43 10.90 23.24 9.86
C THR C 43 10.34 22.24 10.88
N ALA C 44 11.13 21.90 11.88
CA ALA C 44 10.67 21.02 12.96
C ALA C 44 9.47 21.62 13.73
N LEU C 45 9.54 22.92 14.01
CA LEU C 45 8.46 23.64 14.68
C LEU C 45 7.18 23.78 13.86
N LEU C 46 7.32 23.95 12.54
CA LEU C 46 6.14 24.07 11.68
C LEU C 46 5.39 22.77 11.57
N GLU C 47 6.14 21.68 11.66
CA GLU C 47 5.57 20.34 11.56
C GLU C 47 4.91 19.97 12.86
N ALA C 48 5.21 20.71 13.92
CA ALA C 48 4.58 20.48 15.23
C ALA C 48 3.42 21.46 15.47
N ASP C 49 2.98 22.10 14.40
CA ASP C 49 1.77 22.94 14.40
C ASP C 49 1.88 24.25 15.16
N VAL C 50 3.10 24.74 15.32
CA VAL C 50 3.28 26.10 15.82
C VAL C 50 2.86 27.04 14.70
N ASN C 51 2.10 28.08 15.03
CA ASN C 51 1.63 29.02 14.03
C ASN C 51 2.82 29.53 13.26
N ILE C 52 2.68 29.61 11.94
CA ILE C 52 3.80 30.05 11.09
C ILE C 52 4.33 31.45 11.44
N LYS C 53 3.43 32.37 11.80
CA LYS C 53 3.81 33.72 12.21
C LYS C 53 4.82 33.66 13.34
N LEU C 54 4.53 32.83 14.34
CA LEU C 54 5.35 32.70 15.53
C LEU C 54 6.71 32.08 15.21
N VAL C 55 6.74 31.16 14.25
CA VAL C 55 8.00 30.56 13.82
C VAL C 55 8.86 31.55 13.04
N LYS C 56 8.26 32.26 12.10
CA LYS C 56 8.99 33.32 11.39
C LYS C 56 9.54 34.40 12.36
N GLN C 57 8.77 34.72 13.39
CA GLN C 57 9.18 35.70 14.38
C GLN C 57 10.30 35.13 15.28
N LEU C 58 10.15 33.89 15.72
CA LEU C 58 11.15 33.23 16.54
C LEU C 58 12.47 33.17 15.81
N ARG C 59 12.42 32.93 14.50
CA ARG C 59 13.65 32.83 13.74
C ARG C 59 14.45 34.14 13.81
N GLU C 60 13.82 35.28 13.51
CA GLU C 60 14.56 36.54 13.54
C GLU C 60 14.73 37.10 14.95
N ASN C 61 14.16 36.43 15.94
CA ASN C 61 14.44 36.77 17.34
C ASN C 61 15.64 35.99 17.86
N VAL C 62 15.73 34.72 17.51
CA VAL C 62 16.88 33.91 17.92
C VAL C 62 18.13 34.30 17.13
N LYS C 63 17.91 34.97 15.99
CA LYS C 63 19.00 35.41 15.11
C LYS C 63 19.61 36.71 15.64
N SER C 64 18.76 37.68 15.93
CA SER C 64 19.18 38.99 16.45
C SER C 64 19.85 38.85 17.80
N ALA C 65 19.33 37.92 18.61
CA ALA C 65 19.75 37.73 19.98
C ALA C 65 20.94 36.79 20.16
N ILE C 66 21.46 36.24 19.07
CA ILE C 66 22.61 35.33 19.16
C ILE C 66 23.94 35.98 18.73
N ASP C 67 23.90 37.25 18.32
CA ASP C 67 25.09 37.97 17.85
C ASP C 67 25.60 38.96 18.89
N ASN C 76 28.55 20.45 20.27
CA ASN C 76 28.33 21.72 20.97
C ASN C 76 27.83 22.86 20.06
N LYS C 77 28.05 22.72 18.74
CA LYS C 77 27.66 23.77 17.81
C LYS C 77 26.16 23.77 17.49
N ARG C 78 25.56 22.59 17.54
CA ARG C 78 24.11 22.43 17.33
C ARG C 78 23.36 22.38 18.66
N LYS C 79 24.08 22.71 19.73
CA LYS C 79 23.50 22.82 21.06
C LYS C 79 23.46 24.31 21.45
N MET C 80 24.43 25.06 20.96
CA MET C 80 24.51 26.50 21.18
C MET C 80 23.30 27.17 20.52
N ILE C 81 22.73 26.45 19.58
CA ILE C 81 21.56 26.86 18.80
C ILE C 81 20.29 26.35 19.49
N GLN C 82 20.31 25.07 19.84
CA GLN C 82 19.15 24.40 20.44
C GLN C 82 18.76 25.04 21.79
N HIS C 83 19.70 25.74 22.39
CA HIS C 83 19.48 26.41 23.68
C HIS C 83 18.70 27.72 23.53
N ALA C 84 19.15 28.57 22.62
CA ALA C 84 18.54 29.90 22.47
C ALA C 84 17.14 29.82 21.89
N VAL C 85 16.83 28.71 21.22
CA VAL C 85 15.49 28.47 20.68
C VAL C 85 14.55 28.05 21.81
N PHE C 86 14.99 27.05 22.58
CA PHE C 86 14.31 26.59 23.79
C PHE C 86 13.99 27.77 24.72
N LYS C 87 14.95 28.69 24.87
CA LYS C 87 14.75 29.88 25.71
C LYS C 87 13.71 30.83 25.10
N GLU C 88 13.69 30.96 23.78
CA GLU C 88 12.71 31.84 23.12
C GLU C 88 11.32 31.23 23.15
N LEU C 89 11.26 29.89 23.19
CA LEU C 89 10.00 29.13 23.26
C LEU C 89 9.31 29.23 24.62
N VAL C 90 10.10 29.18 25.68
CA VAL C 90 9.61 29.35 27.04
C VAL C 90 8.91 30.69 27.21
N LYS C 91 9.49 31.74 26.63
CA LYS C 91 8.86 33.07 26.64
C LYS C 91 7.48 33.03 25.99
N LEU C 92 7.31 32.15 25.00
CA LEU C 92 6.05 32.04 24.27
C LEU C 92 4.93 31.29 25.01
N VAL C 93 5.29 30.27 25.79
CA VAL C 93 4.33 29.49 26.57
C VAL C 93 3.93 30.26 27.81
N ASP C 94 4.83 31.12 28.27
CA ASP C 94 4.61 31.92 29.45
C ASP C 94 3.97 33.25 29.11
N PRO C 95 2.74 33.48 29.60
CA PRO C 95 2.03 34.75 29.42
C PRO C 95 2.52 35.77 30.44
N GLY C 96 3.35 35.30 31.37
CA GLY C 96 3.91 36.15 32.41
C GLY C 96 2.97 36.33 33.59
N VAL C 97 1.83 35.65 33.52
CA VAL C 97 0.79 35.77 34.53
C VAL C 97 0.72 34.44 35.26
N LYS C 98 0.57 34.50 36.58
CA LYS C 98 0.45 33.28 37.39
C LYS C 98 -0.91 32.64 37.15
N ALA C 99 -0.99 31.32 37.31
CA ALA C 99 -2.23 30.62 36.99
C ALA C 99 -3.27 30.86 38.08
N TRP C 100 -4.52 31.02 37.68
CA TRP C 100 -5.59 31.24 38.65
C TRP C 100 -5.74 30.05 39.58
N THR C 101 -6.04 30.34 40.85
CA THR C 101 -6.26 29.28 41.82
C THR C 101 -7.49 29.58 42.66
N PRO C 102 -8.28 28.55 42.97
CA PRO C 102 -9.45 28.74 43.84
C PRO C 102 -9.02 29.04 45.27
N THR C 103 -9.78 29.87 45.98
CA THR C 103 -9.52 30.13 47.40
C THR C 103 -10.45 29.24 48.21
N LYS C 104 -9.88 28.51 49.17
CA LYS C 104 -10.62 27.53 49.96
C LYS C 104 -11.76 28.15 50.79
N GLY C 105 -12.93 27.53 50.73
CA GLY C 105 -14.05 27.96 51.53
C GLY C 105 -14.95 29.02 50.92
N LYS C 106 -14.59 29.52 49.75
CA LYS C 106 -15.51 30.44 49.07
C LYS C 106 -16.05 29.74 47.80
N GLN C 107 -17.01 30.36 47.10
CA GLN C 107 -17.64 29.69 45.95
C GLN C 107 -16.88 29.93 44.64
N ASN C 108 -16.17 28.93 44.16
CA ASN C 108 -15.41 29.08 42.93
C ASN C 108 -16.14 28.44 41.77
N VAL C 109 -16.63 29.29 40.86
CA VAL C 109 -17.32 28.84 39.67
C VAL C 109 -16.35 28.81 38.49
N ILE C 110 -16.06 27.62 37.97
CA ILE C 110 -15.18 27.48 36.82
C ILE C 110 -16.00 27.11 35.56
N MET C 111 -15.90 27.93 34.52
CA MET C 111 -16.70 27.70 33.32
C MET C 111 -15.83 27.29 32.13
N PHE C 112 -16.17 26.18 31.48
CA PHE C 112 -15.39 25.67 30.35
C PHE C 112 -15.93 26.12 29.00
N VAL C 113 -15.05 26.58 28.12
CA VAL C 113 -15.46 26.94 26.77
C VAL C 113 -14.48 26.34 25.76
N GLY C 114 -14.88 26.28 24.50
CA GLY C 114 -13.96 25.80 23.48
C GLY C 114 -14.66 25.33 22.22
N LEU C 115 -13.88 25.07 21.18
CA LEU C 115 -14.41 24.56 19.91
C LEU C 115 -15.09 23.20 20.05
N GLN C 116 -15.99 22.90 19.12
CA GLN C 116 -16.65 21.60 19.05
C GLN C 116 -15.64 20.47 19.13
N GLY C 117 -15.91 19.51 20.01
CA GLY C 117 -15.13 18.30 20.09
C GLY C 117 -13.74 18.45 20.66
N SER C 118 -13.43 19.62 21.20
CA SER C 118 -12.09 19.86 21.73
C SER C 118 -11.86 19.08 23.01
N GLY C 119 -12.94 18.69 23.69
CA GLY C 119 -12.81 17.84 24.86
C GLY C 119 -13.25 18.47 26.17
N LYS C 120 -14.14 19.46 26.09
CA LYS C 120 -14.63 20.16 27.27
C LYS C 120 -15.25 19.21 28.28
N THR C 121 -16.36 18.59 27.88
CA THR C 121 -17.10 17.65 28.74
C THR C 121 -16.25 16.60 29.43
N THR C 122 -15.35 15.95 28.70
CA THR C 122 -14.51 14.92 29.30
C THR C 122 -13.58 15.57 30.32
N THR C 123 -13.04 16.73 29.95
CA THR C 123 -12.13 17.47 30.81
C THR C 123 -12.83 18.05 32.04
N CYS C 124 -14.12 18.35 31.93
CA CYS C 124 -14.87 18.82 33.11
C CYS C 124 -14.79 17.80 34.23
N SER C 125 -15.19 16.56 33.96
CA SER C 125 -15.12 15.54 34.98
C SER C 125 -13.67 15.24 35.41
N LYS C 126 -12.73 15.35 34.47
CA LYS C 126 -11.32 15.18 34.81
C LYS C 126 -10.85 16.16 35.89
N LEU C 127 -11.28 17.41 35.77
CA LEU C 127 -10.88 18.50 36.67
C LEU C 127 -11.62 18.42 38.00
N ALA C 128 -12.88 18.02 37.95
CA ALA C 128 -13.64 17.82 39.17
C ALA C 128 -12.99 16.71 39.95
N TYR C 129 -12.65 15.61 39.28
CA TYR C 129 -11.98 14.49 39.94
C TYR C 129 -10.65 14.86 40.54
N TYR C 130 -9.91 15.75 39.86
CA TYR C 130 -8.63 16.23 40.36
C TYR C 130 -8.81 16.91 41.70
N TYR C 131 -9.72 17.87 41.75
CA TYR C 131 -9.99 18.65 42.95
C TYR C 131 -10.60 17.82 44.08
N GLN C 132 -11.47 16.88 43.73
CA GLN C 132 -12.11 16.06 44.74
C GLN C 132 -11.11 15.18 45.48
N ARG C 133 -10.16 14.60 44.74
CA ARG C 133 -9.15 13.76 45.38
C ARG C 133 -8.24 14.58 46.30
N LYS C 134 -8.10 15.88 46.03
CA LYS C 134 -7.27 16.76 46.85
C LYS C 134 -8.06 17.27 48.04
N GLY C 135 -9.32 16.86 48.13
CA GLY C 135 -10.12 17.12 49.32
C GLY C 135 -11.04 18.32 49.25
N TRP C 136 -11.46 18.65 48.03
CA TRP C 136 -12.42 19.74 47.85
C TRP C 136 -13.80 19.14 47.72
N LYS C 137 -14.81 19.95 48.06
CA LYS C 137 -16.19 19.58 47.77
C LYS C 137 -16.49 20.06 46.35
N THR C 138 -16.55 19.15 45.39
CA THR C 138 -16.71 19.55 43.99
C THR C 138 -18.01 19.02 43.38
N CYS C 139 -18.38 19.55 42.20
CA CYS C 139 -19.62 19.23 41.49
C CYS C 139 -19.59 19.67 40.01
N LEU C 140 -20.40 19.04 39.16
CA LEU C 140 -20.41 19.35 37.73
C LEU C 140 -21.77 19.87 37.27
N ILE C 141 -21.80 20.87 36.39
CA ILE C 141 -23.06 21.35 35.82
C ILE C 141 -23.09 21.23 34.31
N CYS C 142 -24.16 20.68 33.74
CA CYS C 142 -24.27 20.60 32.28
C CYS C 142 -25.16 21.68 31.66
N ALA C 143 -24.53 22.68 31.05
CA ALA C 143 -25.23 23.73 30.33
C ALA C 143 -25.03 23.62 28.81
N ASP C 144 -25.01 22.39 28.31
CA ASP C 144 -25.06 22.13 26.88
C ASP C 144 -26.50 21.73 26.58
N THR C 145 -27.20 22.54 25.81
CA THR C 145 -28.58 22.20 25.49
C THR C 145 -28.75 21.84 24.04
N PHE C 146 -27.63 21.59 23.36
CA PHE C 146 -27.62 21.40 21.90
C PHE C 146 -27.24 19.97 21.53
N ARG C 147 -26.08 19.53 21.99
CA ARG C 147 -25.48 18.27 21.52
C ARG C 147 -26.32 17.06 21.90
N ALA C 148 -26.69 16.23 20.92
CA ALA C 148 -27.42 15.01 21.21
C ALA C 148 -26.73 14.20 22.28
N GLY C 149 -27.48 13.86 23.33
CA GLY C 149 -26.92 13.11 24.44
C GLY C 149 -25.84 13.81 25.24
N ALA C 150 -25.85 15.13 25.25
CA ALA C 150 -24.88 15.90 26.01
C ALA C 150 -25.04 15.70 27.51
N PHE C 151 -26.28 15.75 27.98
CA PHE C 151 -26.53 15.61 29.41
C PHE C 151 -26.28 14.17 29.84
N ASP C 152 -26.60 13.22 28.97
CA ASP C 152 -26.35 11.82 29.28
C ASP C 152 -24.89 11.55 29.44
N GLN C 153 -24.08 12.21 28.63
CA GLN C 153 -22.65 12.01 28.67
C GLN C 153 -22.09 12.43 30.02
N LEU C 154 -22.43 13.64 30.46
CA LEU C 154 -21.82 14.19 31.68
C LEU C 154 -22.37 13.50 32.91
N LYS C 155 -23.64 13.13 32.86
CA LYS C 155 -24.30 12.46 33.97
C LYS C 155 -23.70 11.06 34.21
N GLN C 156 -23.23 10.41 33.15
CA GLN C 156 -22.64 9.08 33.30
C GLN C 156 -21.20 9.19 33.79
N ASN C 157 -20.49 10.22 33.33
CA ASN C 157 -19.16 10.52 33.81
C ASN C 157 -19.22 10.84 35.28
N ALA C 158 -20.13 11.74 35.61
CA ALA C 158 -20.28 12.21 36.95
C ALA C 158 -20.69 11.05 37.84
N THR C 159 -21.58 10.20 37.35
CA THR C 159 -22.07 9.08 38.16
C THR C 159 -20.99 8.05 38.46
N LYS C 160 -20.14 7.77 37.49
CA LYS C 160 -19.08 6.80 37.66
C LYS C 160 -18.03 7.28 38.67
N ALA C 161 -17.66 8.56 38.56
CA ALA C 161 -16.60 9.15 39.39
C ALA C 161 -17.12 9.67 40.74
N ARG C 162 -18.39 9.39 41.01
CA ARG C 162 -19.05 9.77 42.25
C ARG C 162 -18.96 11.27 42.52
N ILE C 163 -19.39 12.07 41.56
CA ILE C 163 -19.43 13.51 41.70
C ILE C 163 -20.86 14.04 41.54
N PRO C 164 -21.30 14.89 42.48
CA PRO C 164 -22.60 15.56 42.39
C PRO C 164 -22.77 16.35 41.10
N PHE C 165 -23.89 16.16 40.40
CA PHE C 165 -24.12 16.85 39.16
C PHE C 165 -25.51 17.43 39.09
N TYR C 166 -25.69 18.40 38.19
CA TYR C 166 -26.98 19.04 37.93
C TYR C 166 -27.16 19.25 36.43
N GLY C 167 -28.40 19.14 35.94
CA GLY C 167 -28.68 19.34 34.53
C GLY C 167 -30.15 19.11 34.23
N SER C 168 -30.54 19.26 32.96
CA SER C 168 -31.94 19.06 32.57
C SER C 168 -32.16 18.46 31.17
N TYR C 169 -32.99 17.42 31.07
CA TYR C 169 -33.29 16.83 29.76
C TYR C 169 -34.26 17.72 29.00
N THR C 170 -34.92 18.62 29.73
CA THR C 170 -36.03 19.38 29.18
C THR C 170 -35.68 20.86 28.90
N GLU C 171 -34.92 21.52 29.79
CA GLU C 171 -34.68 22.95 29.62
C GLU C 171 -33.81 23.27 28.42
N MET C 172 -34.28 24.18 27.56
CA MET C 172 -33.57 24.44 26.31
C MET C 172 -32.70 25.72 26.35
N ASP C 173 -32.84 26.50 27.40
CA ASP C 173 -31.99 27.69 27.62
C ASP C 173 -30.85 27.39 28.60
N PRO C 174 -29.60 27.30 28.09
CA PRO C 174 -28.40 27.02 28.91
C PRO C 174 -28.22 28.06 30.01
N VAL C 175 -28.57 29.32 29.73
CA VAL C 175 -28.41 30.38 30.72
C VAL C 175 -29.20 30.06 32.00
N ILE C 176 -30.42 29.54 31.81
CA ILE C 176 -31.29 29.11 32.90
C ILE C 176 -30.77 27.87 33.63
N ILE C 177 -30.24 26.90 32.89
CA ILE C 177 -29.65 25.71 33.51
C ILE C 177 -28.41 26.08 34.32
N ALA C 178 -27.54 26.91 33.76
CA ALA C 178 -26.34 27.38 34.46
C ALA C 178 -26.66 28.21 35.71
N SER C 179 -27.58 29.17 35.60
CA SER C 179 -28.00 29.97 36.75
C SER C 179 -28.51 29.09 37.85
N GLU C 180 -29.54 28.31 37.54
CA GLU C 180 -30.22 27.53 38.56
C GLU C 180 -29.33 26.45 39.15
N GLY C 181 -28.35 26.00 38.38
CA GLY C 181 -27.40 25.02 38.85
C GLY C 181 -26.32 25.58 39.77
N VAL C 182 -25.72 26.69 39.37
CA VAL C 182 -24.70 27.35 40.20
C VAL C 182 -25.33 27.81 41.51
N GLU C 183 -26.53 28.39 41.40
CA GLU C 183 -27.26 28.80 42.58
C GLU C 183 -27.52 27.66 43.55
N LYS C 184 -27.87 26.48 43.03
CA LYS C 184 -28.13 25.30 43.86
C LYS C 184 -26.89 24.83 44.60
N PHE C 185 -25.77 24.80 43.91
CA PHE C 185 -24.54 24.28 44.50
C PHE C 185 -23.82 25.28 45.40
N LYS C 186 -24.07 26.58 45.19
CA LYS C 186 -23.62 27.60 46.12
C LYS C 186 -24.38 27.37 47.44
N ASN C 187 -25.71 27.26 47.36
CA ASN C 187 -26.55 27.09 48.55
C ASN C 187 -26.33 25.80 49.33
N GLU C 188 -25.56 24.88 48.74
CA GLU C 188 -25.20 23.62 49.39
C GLU C 188 -23.70 23.60 49.68
N ASN C 189 -23.08 24.77 49.56
CA ASN C 189 -21.68 25.04 49.91
C ASN C 189 -20.61 24.16 49.29
N PHE C 190 -20.71 23.96 47.98
CA PHE C 190 -19.68 23.28 47.23
C PHE C 190 -18.56 24.29 46.97
N GLU C 191 -17.32 23.84 46.95
CA GLU C 191 -16.19 24.73 46.74
C GLU C 191 -15.81 24.84 45.26
N ILE C 192 -15.97 23.75 44.53
CA ILE C 192 -15.65 23.72 43.10
C ILE C 192 -16.89 23.41 42.26
N ILE C 193 -17.40 24.43 41.58
CA ILE C 193 -18.57 24.32 40.72
C ILE C 193 -18.17 24.48 39.27
N ILE C 194 -18.08 23.37 38.55
CA ILE C 194 -17.60 23.36 37.18
C ILE C 194 -18.74 23.36 36.18
N VAL C 195 -18.78 24.36 35.31
CA VAL C 195 -19.86 24.45 34.34
C VAL C 195 -19.41 24.10 32.91
N ASP C 196 -20.00 23.05 32.35
CA ASP C 196 -19.75 22.57 30.98
C ASP C 196 -20.69 23.26 29.99
N THR C 197 -20.15 23.72 28.86
CA THR C 197 -20.97 24.40 27.84
C THR C 197 -20.84 23.71 26.47
N SER C 198 -21.67 24.06 25.50
CA SER C 198 -21.60 23.39 24.20
C SER C 198 -20.41 23.91 23.42
N GLY C 199 -19.92 23.09 22.48
CA GLY C 199 -18.91 23.53 21.55
C GLY C 199 -19.44 24.66 20.69
N ARG C 200 -18.60 25.62 20.36
CA ARG C 200 -19.04 26.74 19.54
C ARG C 200 -17.84 27.30 18.77
N HIS C 201 -18.13 28.05 17.71
CA HIS C 201 -17.10 28.54 16.81
C HIS C 201 -17.37 30.01 16.45
N LYS C 202 -16.33 30.74 16.07
CA LYS C 202 -16.39 32.19 16.01
C LYS C 202 -17.34 32.74 14.96
N GLN C 203 -17.62 31.94 13.94
CA GLN C 203 -18.42 32.47 12.86
C GLN C 203 -19.91 32.36 13.12
N GLU C 204 -20.31 31.53 14.09
CA GLU C 204 -21.71 31.49 14.49
C GLU C 204 -21.98 32.50 15.59
N ASP C 205 -22.48 33.67 15.22
CA ASP C 205 -22.60 34.76 16.19
C ASP C 205 -23.56 34.43 17.33
N SER C 206 -24.66 33.75 17.01
CA SER C 206 -25.64 33.35 18.00
C SER C 206 -24.94 32.63 19.12
N LEU C 207 -24.15 31.62 18.76
CA LEU C 207 -23.46 30.81 19.76
C LEU C 207 -22.51 31.60 20.66
N PHE C 208 -21.87 32.64 20.11
CA PHE C 208 -20.99 33.48 20.90
C PHE C 208 -21.79 34.39 21.83
N GLU C 209 -22.89 34.93 21.33
CA GLU C 209 -23.80 35.70 22.19
C GLU C 209 -24.32 34.84 23.33
N GLU C 210 -24.69 33.61 23.01
CA GLU C 210 -25.18 32.69 24.02
C GLU C 210 -24.10 32.40 25.05
N MET C 211 -22.85 32.36 24.61
CA MET C 211 -21.75 32.11 25.54
C MET C 211 -21.56 33.27 26.51
N LEU C 212 -21.58 34.50 26.01
CA LEU C 212 -21.45 35.68 26.85
C LEU C 212 -22.61 35.76 27.85
N GLN C 213 -23.80 35.31 27.42
CA GLN C 213 -24.98 35.34 28.30
C GLN C 213 -24.86 34.35 29.46
N VAL C 214 -24.29 33.17 29.20
CA VAL C 214 -24.02 32.21 30.27
C VAL C 214 -22.97 32.73 31.28
N ALA C 215 -21.92 33.37 30.78
CA ALA C 215 -20.91 33.95 31.65
C ALA C 215 -21.50 35.02 32.57
N ASN C 216 -22.21 35.98 31.99
CA ASN C 216 -22.80 37.09 32.75
C ASN C 216 -23.71 36.56 33.85
N ALA C 217 -24.38 35.44 33.59
CA ALA C 217 -25.36 34.87 34.52
C ALA C 217 -24.70 34.23 35.75
N ILE C 218 -23.63 33.48 35.53
CA ILE C 218 -22.95 32.77 36.62
C ILE C 218 -21.68 33.46 37.17
N GLN C 219 -21.20 34.50 36.48
CA GLN C 219 -20.02 35.27 36.91
C GLN C 219 -18.85 34.39 37.36
N PRO C 220 -18.26 33.64 36.42
CA PRO C 220 -17.27 32.65 36.83
C PRO C 220 -16.02 33.29 37.39
N ASP C 221 -15.36 32.60 38.31
CA ASP C 221 -14.11 33.06 38.90
C ASP C 221 -12.91 32.65 38.04
N ASN C 222 -13.19 31.80 37.05
CA ASN C 222 -12.16 31.29 36.14
C ASN C 222 -12.82 30.70 34.90
N ILE C 223 -12.45 31.21 33.73
CA ILE C 223 -12.95 30.64 32.50
C ILE C 223 -11.84 29.87 31.80
N VAL C 224 -12.07 28.59 31.55
CA VAL C 224 -11.06 27.74 30.94
C VAL C 224 -11.37 27.59 29.47
N TYR C 225 -10.38 27.85 28.61
CA TYR C 225 -10.51 27.58 27.18
C TYR C 225 -9.83 26.25 26.84
N VAL C 226 -10.63 25.26 26.48
CA VAL C 226 -10.11 23.93 26.20
C VAL C 226 -9.74 23.78 24.73
N MET C 227 -8.54 23.29 24.42
CA MET C 227 -8.15 23.11 23.02
C MET C 227 -7.55 21.74 22.64
N ASP C 228 -7.94 21.27 21.45
CA ASP C 228 -7.47 20.01 20.91
C ASP C 228 -5.99 20.22 20.55
N ALA C 229 -5.10 19.31 20.96
CA ALA C 229 -3.67 19.49 20.71
C ALA C 229 -3.32 19.35 19.24
N SER C 230 -4.26 18.85 18.46
CA SER C 230 -4.02 18.55 17.05
C SER C 230 -4.37 19.70 16.12
N ILE C 231 -4.87 20.80 16.70
CA ILE C 231 -5.37 21.92 15.93
C ILE C 231 -4.31 22.58 15.06
N GLY C 232 -4.67 22.86 13.80
CA GLY C 232 -3.75 23.45 12.86
C GLY C 232 -3.59 24.95 12.96
N GLN C 233 -3.50 25.60 11.80
CA GLN C 233 -3.23 27.03 11.73
C GLN C 233 -4.45 27.86 12.07
N ALA C 234 -5.61 27.20 12.16
CA ALA C 234 -6.83 27.91 12.45
C ALA C 234 -6.89 28.24 13.91
N CYS C 235 -5.89 27.81 14.68
CA CYS C 235 -5.96 27.93 16.14
C CYS C 235 -5.98 29.35 16.70
N GLU C 236 -5.02 30.16 16.31
CA GLU C 236 -4.90 31.53 16.80
C GLU C 236 -6.16 32.36 16.56
N ALA C 237 -6.73 32.20 15.36
CA ALA C 237 -7.89 32.98 14.96
C ALA C 237 -9.08 32.79 15.92
N GLN C 238 -9.39 31.53 16.21
CA GLN C 238 -10.50 31.14 17.08
C GLN C 238 -10.24 31.57 18.52
N ALA C 239 -9.04 31.26 19.01
CA ALA C 239 -8.68 31.59 20.38
C ALA C 239 -8.79 33.09 20.62
N LYS C 240 -8.31 33.91 19.69
CA LYS C 240 -8.51 35.36 19.83
C LYS C 240 -9.99 35.68 19.92
N ALA C 241 -10.79 35.04 19.08
CA ALA C 241 -12.21 35.34 19.00
C ALA C 241 -12.94 35.08 20.31
N PHE C 242 -12.54 34.02 21.00
CA PHE C 242 -13.07 33.66 22.31
C PHE C 242 -12.70 34.69 23.37
N LYS C 243 -11.41 35.03 23.43
CA LYS C 243 -10.93 36.02 24.40
C LYS C 243 -11.54 37.39 24.14
N ASP C 244 -11.88 37.69 22.90
CA ASP C 244 -12.52 38.96 22.54
C ASP C 244 -13.96 39.07 22.98
N LYS C 245 -14.61 37.92 23.22
CA LYS C 245 -16.01 37.91 23.63
C LYS C 245 -16.17 37.72 25.14
N VAL C 246 -15.41 36.78 25.69
CA VAL C 246 -15.54 36.40 27.08
C VAL C 246 -14.16 36.48 27.74
N ASP C 247 -14.10 36.49 29.08
CA ASP C 247 -12.82 36.69 29.76
C ASP C 247 -12.06 35.39 30.12
N VAL C 248 -11.47 34.76 29.11
CA VAL C 248 -10.71 33.54 29.29
C VAL C 248 -9.51 33.78 30.20
N ALA C 249 -9.24 32.86 31.13
CA ALA C 249 -8.22 33.09 32.15
C ALA C 249 -7.25 31.92 32.34
N SER C 250 -7.57 30.80 31.69
CA SER C 250 -6.81 29.56 31.76
C SER C 250 -7.00 28.78 30.48
N VAL C 251 -6.01 27.96 30.14
CA VAL C 251 -6.08 27.10 28.97
C VAL C 251 -5.78 25.65 29.37
N ILE C 252 -6.55 24.70 28.85
CA ILE C 252 -6.26 23.29 29.03
C ILE C 252 -6.04 22.68 27.65
N VAL C 253 -4.96 21.92 27.49
CA VAL C 253 -4.68 21.27 26.22
C VAL C 253 -5.00 19.78 26.36
N THR C 254 -5.84 19.25 25.47
CA THR C 254 -6.24 17.86 25.59
C THR C 254 -5.67 17.04 24.46
N LYS C 255 -5.73 15.73 24.62
CA LYS C 255 -5.30 14.78 23.61
C LYS C 255 -3.82 14.91 23.31
N LEU C 256 -3.03 15.17 24.35
CA LEU C 256 -1.58 15.22 24.22
C LEU C 256 -0.96 13.83 24.33
N ASP C 257 -1.78 12.80 24.44
CA ASP C 257 -1.28 11.45 24.59
C ASP C 257 -0.89 10.80 23.28
N GLY C 258 -1.19 11.45 22.16
CA GLY C 258 -0.90 10.88 20.87
C GLY C 258 0.33 11.43 20.18
N HIS C 259 0.23 11.57 18.86
CA HIS C 259 1.39 11.90 18.04
C HIS C 259 1.60 13.42 17.98
N ALA C 260 0.54 14.17 18.31
CA ALA C 260 0.59 15.63 18.26
C ALA C 260 1.35 16.22 19.45
N LYS C 261 2.24 17.15 19.15
CA LYS C 261 3.10 17.78 20.16
C LYS C 261 2.46 19.07 20.67
N GLY C 262 1.39 19.49 20.01
CA GLY C 262 0.53 20.55 20.48
C GLY C 262 0.99 21.98 20.29
N GLY C 263 1.70 22.27 19.20
CA GLY C 263 2.23 23.60 18.96
C GLY C 263 1.22 24.72 18.81
N GLY C 264 -0.05 24.38 18.69
CA GLY C 264 -1.07 25.40 18.57
C GLY C 264 -1.20 26.15 19.89
N ALA C 265 -0.83 25.46 20.96
CA ALA C 265 -0.92 26.01 22.31
C ALA C 265 -0.21 27.35 22.42
N LEU C 266 0.91 27.50 21.74
CA LEU C 266 1.65 28.74 21.76
C LEU C 266 0.81 29.90 21.23
N SER C 267 0.01 29.63 20.22
CA SER C 267 -0.89 30.64 19.65
C SER C 267 -2.09 30.88 20.55
N ALA C 268 -2.58 29.81 21.15
CA ALA C 268 -3.69 29.90 22.08
C ALA C 268 -3.28 30.75 23.28
N VAL C 269 -2.10 30.45 23.82
CA VAL C 269 -1.59 31.21 24.96
C VAL C 269 -1.46 32.70 24.64
N ALA C 270 -0.95 33.01 23.45
CA ALA C 270 -0.82 34.40 23.02
C ALA C 270 -2.17 35.11 22.92
N ALA C 271 -3.14 34.44 22.33
CA ALA C 271 -4.45 35.02 22.04
C ALA C 271 -5.29 35.29 23.30
N THR C 272 -5.27 34.34 24.23
CA THR C 272 -6.10 34.39 25.42
C THR C 272 -5.48 35.12 26.60
N LYS C 273 -4.18 35.42 26.51
CA LYS C 273 -3.44 36.02 27.63
C LYS C 273 -3.51 35.16 28.88
N SER C 274 -3.42 33.84 28.71
CA SER C 274 -3.61 32.89 29.81
C SER C 274 -2.68 31.69 29.77
N PRO C 275 -2.23 31.24 30.93
CA PRO C 275 -1.29 30.13 31.05
C PRO C 275 -1.95 28.78 30.83
N ILE C 276 -1.19 27.80 30.36
CA ILE C 276 -1.66 26.43 30.30
C ILE C 276 -1.61 25.83 31.70
N ILE C 277 -2.77 25.45 32.24
CA ILE C 277 -2.84 24.95 33.60
C ILE C 277 -2.78 23.42 33.70
N PHE C 278 -3.46 22.72 32.79
CA PHE C 278 -3.53 21.26 32.82
C PHE C 278 -3.47 20.70 31.42
N ILE C 279 -2.99 19.47 31.29
CA ILE C 279 -3.05 18.80 29.99
C ILE C 279 -3.85 17.51 30.13
N GLY C 280 -4.51 17.09 29.06
CA GLY C 280 -5.25 15.83 29.08
C GLY C 280 -4.44 14.76 28.40
N THR C 281 -4.33 13.57 28.99
CA THR C 281 -3.50 12.53 28.38
C THR C 281 -4.19 11.17 28.18
N GLY C 282 -5.45 11.21 27.75
CA GLY C 282 -6.20 9.99 27.50
C GLY C 282 -7.69 10.12 27.71
N GLU C 283 -8.41 9.02 27.59
CA GLU C 283 -9.87 9.10 27.61
C GLU C 283 -10.47 8.98 29.00
N HIS C 284 -9.68 8.47 29.95
CA HIS C 284 -10.18 8.22 31.29
C HIS C 284 -10.07 9.42 32.21
N ILE C 285 -10.73 9.35 33.37
CA ILE C 285 -10.82 10.49 34.27
C ILE C 285 -9.50 10.90 34.95
N ASP C 286 -8.59 9.94 35.08
CA ASP C 286 -7.32 10.23 35.74
C ASP C 286 -6.19 10.43 34.73
N ASP C 287 -6.57 10.64 33.48
CA ASP C 287 -5.62 10.95 32.41
C ASP C 287 -5.52 12.47 32.30
N PHE C 288 -4.87 13.08 33.29
CA PHE C 288 -4.94 14.51 33.51
C PHE C 288 -3.76 14.83 34.42
N GLU C 289 -2.98 15.85 34.07
CA GLU C 289 -1.92 16.28 34.97
C GLU C 289 -1.70 17.76 34.78
N PRO C 290 -1.19 18.44 35.82
CA PRO C 290 -0.89 19.88 35.71
C PRO C 290 0.26 20.11 34.75
N PHE C 291 0.09 21.11 33.90
CA PHE C 291 1.04 21.42 32.84
C PHE C 291 2.41 21.72 33.36
N LYS C 292 3.42 21.12 32.75
CA LYS C 292 4.80 21.45 33.08
C LYS C 292 5.51 22.04 31.87
N THR C 293 6.14 23.20 32.05
CA THR C 293 6.63 23.95 30.91
C THR C 293 7.78 23.24 30.19
N GLN C 294 8.75 22.76 30.98
CA GLN C 294 9.96 22.12 30.44
C GLN C 294 9.73 20.88 29.57
N PRO C 295 9.00 19.86 30.07
CA PRO C 295 8.83 18.68 29.21
C PRO C 295 8.00 19.01 27.97
N PHE C 296 7.12 20.01 28.06
CA PHE C 296 6.29 20.38 26.92
C PHE C 296 7.13 20.96 25.78
N ILE C 297 8.09 21.82 26.11
CA ILE C 297 8.98 22.36 25.10
C ILE C 297 10.00 21.33 24.63
N SER C 298 10.43 20.46 25.53
CA SER C 298 11.35 19.37 25.19
C SER C 298 10.74 18.43 24.15
N LYS C 299 9.51 17.99 24.41
CA LYS C 299 8.77 17.12 23.50
C LYS C 299 8.50 17.83 22.18
N LEU C 300 8.26 19.14 22.25
CA LEU C 300 7.92 19.98 21.10
C LEU C 300 9.05 20.12 20.09
N LEU C 301 10.27 19.84 20.54
CA LEU C 301 11.46 20.10 19.76
C LEU C 301 12.24 18.82 19.42
N GLY C 302 12.21 17.85 20.34
CA GLY C 302 13.01 16.64 20.25
C GLY C 302 14.01 16.46 21.41
N SER D 332 14.24 31.75 -20.27
CA SER D 332 13.69 30.56 -19.66
C SER D 332 13.49 30.74 -18.17
N LEU D 333 13.04 29.68 -17.51
CA LEU D 333 12.79 29.68 -16.08
C LEU D 333 13.69 28.69 -15.36
N SER D 334 14.77 29.18 -14.76
CA SER D 334 15.65 28.35 -13.95
C SER D 334 15.07 28.27 -12.55
N ARG D 335 15.66 27.45 -11.69
CA ARG D 335 15.19 27.40 -10.31
C ARG D 335 15.50 28.68 -9.53
N GLU D 336 16.63 29.32 -9.86
CA GLU D 336 17.09 30.51 -9.16
C GLU D 336 16.10 31.68 -9.25
N ASP D 337 15.48 31.85 -10.41
CA ASP D 337 14.44 32.88 -10.60
C ASP D 337 13.16 32.61 -9.79
N MET D 338 12.74 31.34 -9.79
CA MET D 338 11.52 30.92 -9.11
C MET D 338 11.69 30.79 -7.62
N GLU D 339 12.95 30.68 -7.17
CA GLU D 339 13.28 30.39 -5.77
C GLU D 339 12.41 31.12 -4.73
N SER D 340 12.30 32.45 -4.85
CA SER D 340 11.58 33.25 -3.84
C SER D 340 10.07 33.26 -4.06
N VAL D 341 9.61 33.43 -5.29
CA VAL D 341 8.17 33.39 -5.54
C VAL D 341 7.60 32.03 -5.15
N LEU D 342 8.39 30.97 -5.35
CA LEU D 342 8.04 29.63 -4.90
C LEU D 342 8.11 29.52 -3.36
N ASP D 343 9.11 30.18 -2.76
CA ASP D 343 9.22 30.21 -1.31
C ASP D 343 8.02 30.90 -0.69
N LYS D 344 7.53 31.96 -1.34
CA LYS D 344 6.38 32.68 -0.83
C LYS D 344 5.14 31.81 -0.92
N MET D 345 5.03 31.04 -1.99
CA MET D 345 3.91 30.13 -2.12
C MET D 345 3.94 29.06 -1.04
N ARG D 346 5.07 28.39 -0.86
CA ARG D 346 5.16 27.36 0.18
C ARG D 346 4.69 27.91 1.53
N ASP D 347 5.18 29.09 1.89
CA ASP D 347 4.80 29.74 3.14
C ASP D 347 3.31 30.10 3.18
N HIS D 348 2.76 30.50 2.04
CA HIS D 348 1.33 30.80 1.96
C HIS D 348 0.47 29.55 2.16
N LEU D 349 0.79 28.49 1.43
CA LEU D 349 0.07 27.21 1.60
C LEU D 349 0.12 26.73 3.05
N ILE D 350 1.26 26.96 3.70
CA ILE D 350 1.47 26.50 5.06
C ILE D 350 0.55 27.26 6.00
N ALA D 351 0.43 28.56 5.72
CA ALA D 351 -0.39 29.48 6.50
C ALA D 351 -1.88 29.18 6.36
N LYS D 352 -2.26 28.62 5.22
CA LYS D 352 -3.66 28.34 4.99
C LYS D 352 -3.93 26.90 5.32
N ASN D 353 -3.04 26.32 6.12
CA ASN D 353 -3.21 25.00 6.77
C ASN D 353 -3.00 23.73 5.94
N VAL D 354 -2.26 23.84 4.84
CA VAL D 354 -1.73 22.66 4.16
C VAL D 354 -0.58 22.14 4.98
N ALA D 355 -0.55 20.83 5.22
CA ALA D 355 0.52 20.21 6.01
C ALA D 355 1.86 20.67 5.48
N ALA D 356 2.79 20.97 6.38
CA ALA D 356 4.06 21.62 6.03
C ALA D 356 4.81 20.86 4.98
N ASP D 357 4.96 19.56 5.18
CA ASP D 357 5.67 18.74 4.21
C ASP D 357 4.95 18.63 2.86
N ILE D 358 3.63 18.65 2.86
CA ILE D 358 2.90 18.58 1.60
C ILE D 358 3.17 19.86 0.83
N ALA D 359 3.14 20.98 1.53
CA ALA D 359 3.40 22.26 0.91
C ALA D 359 4.74 22.23 0.19
N VAL D 360 5.76 21.73 0.87
CA VAL D 360 7.07 21.62 0.26
C VAL D 360 7.06 20.76 -1.00
N GLN D 361 6.53 19.54 -0.92
CA GLN D 361 6.46 18.64 -2.07
C GLN D 361 5.68 19.25 -3.23
N LEU D 362 4.60 19.96 -2.91
CA LEU D 362 3.79 20.60 -3.94
C LEU D 362 4.61 21.59 -4.74
N CYS D 363 5.38 22.41 -4.04
CA CYS D 363 6.15 23.48 -4.66
C CYS D 363 7.36 22.95 -5.37
N GLU D 364 7.94 21.88 -4.83
CA GLU D 364 9.07 21.24 -5.46
C GLU D 364 8.62 20.66 -6.81
N SER D 365 7.37 20.20 -6.86
CA SER D 365 6.81 19.66 -8.09
C SER D 365 6.62 20.73 -9.16
N VAL D 366 6.01 21.84 -8.76
CA VAL D 366 5.84 22.98 -9.66
C VAL D 366 7.17 23.40 -10.26
N ALA D 367 8.20 23.46 -9.42
CA ALA D 367 9.54 23.81 -9.88
C ALA D 367 10.00 22.84 -10.96
N ASN D 368 9.98 21.55 -10.66
CA ASN D 368 10.32 20.51 -11.63
C ASN D 368 9.57 20.64 -12.95
N LYS D 369 8.28 20.97 -12.86
CA LYS D 369 7.44 21.10 -14.05
C LYS D 369 7.87 22.27 -14.94
N LEU D 370 8.19 23.40 -14.31
CA LEU D 370 8.45 24.66 -15.01
C LEU D 370 9.89 24.86 -15.46
N GLU D 371 10.83 24.20 -14.80
CA GLU D 371 12.23 24.39 -15.12
C GLU D 371 12.48 24.09 -16.60
N GLY D 372 13.10 25.05 -17.29
CA GLY D 372 13.45 24.89 -18.69
C GLY D 372 12.34 25.27 -19.66
N LYS D 373 11.25 25.79 -19.12
CA LYS D 373 10.16 26.27 -19.98
C LYS D 373 10.18 27.79 -20.17
N VAL D 374 9.58 28.28 -21.25
CA VAL D 374 9.45 29.72 -21.45
C VAL D 374 8.06 30.15 -21.00
N MET D 375 7.95 31.37 -20.48
CA MET D 375 6.67 31.86 -20.01
C MET D 375 5.86 32.47 -21.15
N GLY D 376 4.62 32.85 -20.85
CA GLY D 376 3.73 33.42 -21.84
C GLY D 376 4.10 34.85 -22.12
N THR D 377 3.52 35.41 -23.16
CA THR D 377 3.93 36.72 -23.63
C THR D 377 3.83 37.78 -22.57
N PHE D 378 2.71 37.77 -21.84
CA PHE D 378 2.50 38.80 -20.84
C PHE D 378 2.62 38.23 -19.44
N SER D 379 2.97 36.95 -19.34
CA SER D 379 3.07 36.31 -18.03
C SER D 379 4.21 36.88 -17.21
N THR D 380 4.13 36.67 -15.89
CA THR D 380 5.23 36.95 -14.97
C THR D 380 5.63 35.63 -14.35
N VAL D 381 6.76 35.62 -13.65
CA VAL D 381 7.18 34.41 -12.96
C VAL D 381 6.17 34.11 -11.84
N THR D 382 5.63 35.15 -11.19
CA THR D 382 4.60 34.91 -10.17
C THR D 382 3.34 34.23 -10.72
N SER D 383 2.73 34.86 -11.73
CA SER D 383 1.50 34.37 -12.35
C SER D 383 1.68 32.96 -12.92
N THR D 384 2.88 32.67 -13.41
CA THR D 384 3.19 31.37 -13.99
C THR D 384 3.21 30.28 -12.93
N VAL D 385 3.93 30.48 -11.83
CA VAL D 385 3.94 29.42 -10.81
C VAL D 385 2.63 29.39 -10.06
N LYS D 386 1.97 30.54 -9.94
CA LYS D 386 0.68 30.57 -9.27
C LYS D 386 -0.29 29.70 -10.05
N GLN D 387 -0.35 29.86 -11.36
CA GLN D 387 -1.27 29.06 -12.17
C GLN D 387 -0.90 27.58 -12.21
N ALA D 388 0.39 27.27 -12.29
CA ALA D 388 0.86 25.88 -12.30
C ALA D 388 0.45 25.15 -11.04
N LEU D 389 0.67 25.81 -9.90
CA LEU D 389 0.30 25.31 -8.59
C LEU D 389 -1.21 25.10 -8.50
N GLN D 390 -1.97 26.09 -8.94
CA GLN D 390 -3.42 26.02 -8.92
C GLN D 390 -3.96 24.81 -9.71
N GLU D 391 -3.30 24.47 -10.81
CA GLU D 391 -3.73 23.34 -11.61
C GLU D 391 -3.42 22.02 -10.93
N SER D 392 -2.27 21.93 -10.27
CA SER D 392 -1.88 20.67 -9.61
C SER D 392 -2.69 20.47 -8.34
N LEU D 393 -3.10 21.57 -7.72
CA LEU D 393 -4.02 21.52 -6.58
C LEU D 393 -5.41 21.00 -6.99
N VAL D 394 -5.96 21.49 -8.09
CA VAL D 394 -7.26 20.99 -8.52
C VAL D 394 -7.15 19.51 -8.78
N GLN D 395 -6.04 19.06 -9.34
CA GLN D 395 -5.90 17.64 -9.66
C GLN D 395 -5.86 16.75 -8.43
N ILE D 396 -5.30 17.26 -7.35
CA ILE D 396 -5.17 16.48 -6.14
C ILE D 396 -6.50 16.32 -5.46
N LEU D 397 -7.31 17.37 -5.53
CA LEU D 397 -8.60 17.43 -4.83
C LEU D 397 -9.66 16.56 -5.46
N GLN D 398 -9.58 16.37 -6.77
CA GLN D 398 -10.46 15.44 -7.44
C GLN D 398 -9.66 14.24 -7.95
N PRO D 399 -9.60 13.16 -7.16
CA PRO D 399 -8.70 12.09 -7.59
C PRO D 399 -9.46 11.18 -8.50
N GLN D 400 -8.76 10.22 -9.10
CA GLN D 400 -9.31 9.39 -10.15
C GLN D 400 -10.57 8.63 -9.69
N ARG D 401 -10.48 7.97 -8.54
CA ARG D 401 -11.61 7.21 -7.99
C ARG D 401 -12.74 8.11 -7.51
N ARG D 402 -13.90 8.05 -8.14
CA ARG D 402 -15.05 8.74 -7.57
C ARG D 402 -15.66 7.79 -6.54
N VAL D 403 -16.57 8.29 -5.71
CA VAL D 403 -17.34 7.40 -4.85
C VAL D 403 -18.81 7.75 -4.99
N ASP D 404 -19.49 7.04 -5.89
CA ASP D 404 -20.92 7.23 -6.11
C ASP D 404 -21.67 6.31 -5.15
N MET D 405 -22.13 6.86 -4.03
CA MET D 405 -22.63 6.00 -2.95
C MET D 405 -24.00 5.41 -3.26
N LEU D 406 -24.88 6.19 -3.88
CA LEU D 406 -26.23 5.73 -4.22
C LEU D 406 -26.20 4.67 -5.31
N ARG D 407 -25.30 4.84 -6.27
CA ARG D 407 -25.15 3.84 -7.30
C ARG D 407 -24.78 2.54 -6.63
N ASP D 408 -23.89 2.61 -5.65
CA ASP D 408 -23.41 1.40 -5.01
C ASP D 408 -24.46 0.80 -4.11
N ILE D 409 -25.32 1.64 -3.54
CA ILE D 409 -26.36 1.13 -2.67
C ILE D 409 -27.40 0.44 -3.56
N MET D 410 -27.64 1.00 -4.75
CA MET D 410 -28.52 0.37 -5.73
C MET D 410 -28.04 -1.00 -6.15
N ASP D 411 -26.74 -1.11 -6.46
CA ASP D 411 -26.18 -2.38 -6.92
C ASP D 411 -26.24 -3.37 -5.79
N ALA D 412 -26.26 -2.86 -4.57
CA ALA D 412 -26.31 -3.68 -3.38
C ALA D 412 -27.68 -4.30 -3.24
N GLN D 413 -28.68 -3.58 -3.71
CA GLN D 413 -30.05 -4.05 -3.65
C GLN D 413 -30.35 -5.22 -4.60
N ARG D 414 -29.64 -5.26 -5.72
CA ARG D 414 -29.79 -6.36 -6.65
C ARG D 414 -29.25 -7.64 -6.05
N ARG D 415 -28.23 -7.50 -5.20
CA ARG D 415 -27.58 -8.66 -4.59
C ARG D 415 -28.35 -9.05 -3.32
N GLN D 416 -29.35 -8.26 -2.95
CA GLN D 416 -30.21 -8.59 -1.84
C GLN D 416 -29.44 -8.71 -0.51
N ARG D 417 -28.39 -7.87 -0.40
CA ARG D 417 -27.59 -7.68 0.83
C ARG D 417 -27.57 -6.18 1.18
N PRO D 418 -27.33 -5.86 2.45
CA PRO D 418 -27.21 -4.44 2.86
C PRO D 418 -25.90 -3.79 2.43
N TYR D 419 -25.90 -2.47 2.35
CA TYR D 419 -24.70 -1.75 1.98
C TYR D 419 -24.08 -1.34 3.30
N VAL D 420 -22.88 -1.81 3.61
CA VAL D 420 -22.29 -1.49 4.90
C VAL D 420 -21.19 -0.40 4.86
N VAL D 421 -21.41 0.66 5.60
CA VAL D 421 -20.45 1.73 5.65
C VAL D 421 -19.92 1.85 7.06
N THR D 422 -18.60 1.88 7.23
CA THR D 422 -18.02 2.05 8.55
C THR D 422 -17.38 3.42 8.70
N PHE D 423 -17.81 4.21 9.69
CA PHE D 423 -17.12 5.47 9.96
C PHE D 423 -16.03 5.28 11.00
N CYS D 424 -14.91 5.94 10.83
CA CYS D 424 -13.87 5.88 11.84
C CYS D 424 -13.00 7.14 11.81
N GLY D 425 -12.21 7.35 12.86
CA GLY D 425 -11.37 8.52 12.97
C GLY D 425 -10.99 8.78 14.41
N VAL D 426 -10.10 9.74 14.64
CA VAL D 426 -9.70 10.10 15.99
C VAL D 426 -10.84 10.83 16.72
N ASN D 427 -10.61 11.24 17.96
CA ASN D 427 -11.68 11.68 18.87
C ASN D 427 -12.33 13.02 18.58
N GLY D 428 -13.66 13.05 18.57
CA GLY D 428 -14.37 14.32 18.48
C GLY D 428 -14.26 15.02 17.14
N VAL D 429 -13.89 14.27 16.10
CA VAL D 429 -13.79 14.85 14.76
C VAL D 429 -15.17 15.04 14.14
N GLY D 430 -16.15 14.27 14.60
CA GLY D 430 -17.49 14.40 14.05
C GLY D 430 -18.03 13.12 13.44
N LYS D 431 -17.47 11.99 13.86
CA LYS D 431 -17.94 10.68 13.39
C LYS D 431 -19.44 10.54 13.60
N SER D 432 -19.89 10.53 14.85
CA SER D 432 -21.30 10.32 15.19
C SER D 432 -22.28 11.29 14.53
N THR D 433 -22.00 12.58 14.63
CA THR D 433 -22.91 13.60 14.08
C THR D 433 -23.00 13.56 12.55
N ASN D 434 -21.90 13.23 11.88
CA ASN D 434 -21.93 13.18 10.44
C ASN D 434 -22.51 11.88 9.91
N LEU D 435 -22.45 10.83 10.72
CA LEU D 435 -23.15 9.60 10.40
C LEU D 435 -24.65 9.90 10.40
N ALA D 436 -25.10 10.77 11.28
CA ALA D 436 -26.51 11.11 11.29
C ALA D 436 -26.90 11.90 10.03
N LYS D 437 -26.07 12.87 9.65
CA LYS D 437 -26.32 13.69 8.47
C LYS D 437 -26.43 12.85 7.22
N ILE D 438 -25.56 11.85 7.13
CA ILE D 438 -25.51 10.97 5.98
C ILE D 438 -26.76 10.08 5.96
N SER D 439 -27.22 9.69 7.14
CA SER D 439 -28.49 8.98 7.24
C SER D 439 -29.63 9.79 6.65
N PHE D 440 -29.72 11.05 7.05
CA PHE D 440 -30.80 11.89 6.57
C PHE D 440 -30.77 11.95 5.05
N TRP D 441 -29.56 12.06 4.51
CA TRP D 441 -29.38 12.14 3.08
C TRP D 441 -29.84 10.87 2.43
N LEU D 442 -29.48 9.73 3.02
CA LEU D 442 -29.93 8.44 2.52
C LEU D 442 -31.45 8.34 2.56
N LEU D 443 -32.04 8.71 3.69
CA LEU D 443 -33.51 8.66 3.84
C LEU D 443 -34.20 9.58 2.83
N GLU D 444 -33.54 10.69 2.54
CA GLU D 444 -34.12 11.69 1.66
C GLU D 444 -34.17 11.10 0.25
N ASN D 445 -33.29 10.16 -0.02
CA ASN D 445 -33.23 9.43 -1.30
C ASN D 445 -33.99 8.11 -1.33
N GLY D 446 -34.64 7.80 -0.22
CA GLY D 446 -35.56 6.68 -0.16
C GLY D 446 -34.97 5.35 0.26
N PHE D 447 -33.84 5.41 0.95
CA PHE D 447 -33.22 4.20 1.46
C PHE D 447 -33.46 4.04 2.96
N SER D 448 -33.54 2.81 3.43
CA SER D 448 -33.70 2.59 4.85
C SER D 448 -32.32 2.40 5.43
N VAL D 449 -32.07 2.98 6.59
CA VAL D 449 -30.76 2.86 7.20
C VAL D 449 -30.92 2.40 8.66
N LEU D 450 -30.20 1.33 8.97
CA LEU D 450 -30.03 0.83 10.33
C LEU D 450 -28.68 1.35 10.80
N ILE D 451 -28.69 2.19 11.85
CA ILE D 451 -27.49 2.75 12.47
C ILE D 451 -26.97 1.79 13.53
N ALA D 452 -25.72 1.35 13.42
CA ALA D 452 -25.16 0.41 14.41
C ALA D 452 -24.29 1.15 15.40
N ALA D 453 -24.66 1.12 16.68
CA ALA D 453 -23.95 1.85 17.72
C ALA D 453 -22.74 1.06 18.22
N CYS D 454 -21.61 1.20 17.54
CA CYS D 454 -20.45 0.38 17.89
C CYS D 454 -19.37 1.14 18.64
N ASP D 455 -19.67 2.37 19.04
CA ASP D 455 -18.91 3.01 20.10
C ASP D 455 -19.60 2.50 21.36
N THR D 456 -19.00 1.54 22.05
CA THR D 456 -19.64 1.05 23.26
C THR D 456 -18.86 1.53 24.45
N PHE D 457 -18.09 2.60 24.25
CA PHE D 457 -17.14 3.02 25.27
C PHE D 457 -17.45 4.38 25.85
N ARG D 458 -17.44 5.40 25.01
CA ARG D 458 -17.59 6.76 25.52
C ARG D 458 -18.97 7.04 26.13
N ALA D 459 -18.98 7.73 27.26
CA ALA D 459 -20.20 8.11 27.94
C ALA D 459 -21.15 8.82 26.98
N GLY D 460 -22.41 8.40 26.97
CA GLY D 460 -23.43 9.03 26.16
C GLY D 460 -23.40 8.67 24.69
N ALA D 461 -22.47 7.80 24.29
CA ALA D 461 -22.36 7.41 22.88
C ALA D 461 -23.66 6.78 22.37
N VAL D 462 -24.20 5.84 23.13
CA VAL D 462 -25.46 5.20 22.73
C VAL D 462 -26.64 6.19 22.77
N GLU D 463 -26.77 6.97 23.84
CA GLU D 463 -27.87 7.90 23.94
C GLU D 463 -27.82 8.97 22.86
N GLN D 464 -26.59 9.30 22.46
CA GLN D 464 -26.39 10.23 21.37
C GLN D 464 -27.05 9.71 20.11
N LEU D 465 -26.75 8.48 19.73
CA LEU D 465 -27.36 7.89 18.56
C LEU D 465 -28.89 7.66 18.70
N ARG D 466 -29.37 7.37 19.91
CA ARG D 466 -30.81 7.25 20.08
C ARG D 466 -31.49 8.57 19.74
N THR D 467 -30.90 9.66 20.20
CA THR D 467 -31.48 10.97 19.94
C THR D 467 -31.55 11.25 18.45
N HIS D 468 -30.48 10.91 17.73
CA HIS D 468 -30.44 11.13 16.31
C HIS D 468 -31.51 10.29 15.66
N THR D 469 -31.57 9.02 16.06
CA THR D 469 -32.54 8.09 15.51
C THR D 469 -33.98 8.56 15.74
N ARG D 470 -34.28 9.07 16.94
CA ARG D 470 -35.61 9.60 17.21
C ARG D 470 -35.91 10.76 16.28
N ARG D 471 -34.93 11.66 16.18
CA ARG D 471 -35.01 12.87 15.39
C ARG D 471 -35.18 12.54 13.90
N LEU D 472 -34.44 11.53 13.44
CA LEU D 472 -34.49 11.08 12.04
C LEU D 472 -35.83 10.46 11.67
N SER D 473 -36.29 9.53 12.51
CA SER D 473 -37.55 8.85 12.24
C SER D 473 -38.77 9.69 12.59
N ALA D 474 -38.56 10.94 12.99
CA ALA D 474 -39.69 11.85 13.16
C ALA D 474 -39.83 12.61 11.86
N LEU D 475 -38.69 12.81 11.21
CA LEU D 475 -38.62 13.38 9.87
C LEU D 475 -39.08 12.33 8.87
N HIS D 476 -38.78 11.06 9.16
CA HIS D 476 -39.17 9.98 8.26
C HIS D 476 -39.98 8.88 8.92
N PRO D 477 -41.16 9.25 9.41
CA PRO D 477 -42.01 8.27 10.08
C PRO D 477 -42.47 7.22 9.09
N PRO D 478 -42.91 6.05 9.58
CA PRO D 478 -43.53 5.01 8.75
C PRO D 478 -44.74 5.51 8.01
N GLU D 479 -45.48 6.46 8.57
CA GLU D 479 -46.68 6.95 7.93
C GLU D 479 -46.37 7.73 6.66
N LYS D 480 -45.09 8.00 6.44
CA LYS D 480 -44.68 8.69 5.22
C LYS D 480 -43.96 7.72 4.27
N HIS D 481 -43.93 6.44 4.65
CA HIS D 481 -43.23 5.43 3.88
C HIS D 481 -43.99 4.11 3.84
N GLY D 482 -45.30 4.17 3.60
CA GLY D 482 -46.08 2.97 3.40
C GLY D 482 -46.10 2.00 4.55
N GLY D 483 -45.70 2.49 5.73
CA GLY D 483 -45.76 1.68 6.93
C GLY D 483 -44.40 1.14 7.28
N ARG D 484 -43.44 1.31 6.38
CA ARG D 484 -42.10 0.78 6.60
C ARG D 484 -41.37 1.56 7.68
N THR D 485 -40.60 0.87 8.50
CA THR D 485 -39.67 1.57 9.36
C THR D 485 -38.43 1.90 8.54
N MET D 486 -38.04 3.18 8.50
CA MET D 486 -36.96 3.60 7.62
C MET D 486 -35.63 3.88 8.29
N VAL D 487 -35.66 4.30 9.56
CA VAL D 487 -34.45 4.44 10.35
C VAL D 487 -34.64 3.60 11.56
N GLN D 488 -33.55 3.05 12.08
CA GLN D 488 -33.61 2.35 13.35
C GLN D 488 -32.21 2.19 13.94
N LEU D 489 -32.11 2.26 15.27
CA LEU D 489 -30.82 2.02 15.93
C LEU D 489 -30.64 0.55 16.34
N PHE D 490 -29.48 -0.02 16.00
CA PHE D 490 -29.12 -1.32 16.54
C PHE D 490 -28.09 -1.09 17.61
N GLU D 491 -28.46 -1.41 18.85
CA GLU D 491 -27.58 -1.12 19.98
C GLU D 491 -27.69 -2.19 21.07
N LYS D 492 -26.55 -2.52 21.68
CA LYS D 492 -26.53 -3.40 22.83
C LYS D 492 -25.92 -2.72 24.06
N GLY D 493 -26.07 -1.40 24.09
CA GLY D 493 -25.55 -0.58 25.17
C GLY D 493 -24.03 -0.64 25.34
N TYR D 494 -23.57 -0.20 26.51
CA TYR D 494 -22.15 -0.05 26.77
C TYR D 494 -21.46 -1.35 27.18
N GLY D 495 -20.19 -1.46 26.82
CA GLY D 495 -19.30 -2.47 27.39
C GLY D 495 -19.00 -3.66 26.52
N LYS D 496 -19.72 -3.80 25.41
CA LYS D 496 -19.62 -5.00 24.58
C LYS D 496 -18.60 -4.84 23.44
N ASP D 497 -18.19 -5.97 22.86
CA ASP D 497 -17.23 -5.95 21.77
C ASP D 497 -17.85 -5.27 20.55
N ALA D 498 -17.22 -4.20 20.09
CA ALA D 498 -17.76 -3.43 18.99
C ALA D 498 -17.85 -4.27 17.72
N ALA D 499 -16.83 -5.10 17.49
CA ALA D 499 -16.72 -5.88 16.25
C ALA D 499 -17.87 -6.88 16.12
N GLY D 500 -18.27 -7.47 17.25
CA GLY D 500 -19.35 -8.42 17.27
C GLY D 500 -20.73 -7.77 17.20
N ILE D 501 -20.83 -6.53 17.63
CA ILE D 501 -22.10 -5.81 17.51
C ILE D 501 -22.32 -5.46 16.07
N ALA D 502 -21.29 -4.93 15.41
CA ALA D 502 -21.37 -4.66 13.97
C ALA D 502 -21.83 -5.91 13.26
N MET D 503 -21.25 -7.05 13.63
CA MET D 503 -21.65 -8.32 13.03
C MET D 503 -23.14 -8.63 13.24
N GLU D 504 -23.67 -8.40 14.44
CA GLU D 504 -25.07 -8.68 14.72
C GLU D 504 -26.00 -7.65 14.06
N ALA D 505 -25.51 -6.43 13.94
CA ALA D 505 -26.28 -5.36 13.32
C ALA D 505 -26.44 -5.65 11.83
N ILE D 506 -25.34 -5.98 11.17
CA ILE D 506 -25.38 -6.29 9.74
C ILE D 506 -26.30 -7.46 9.43
N ALA D 507 -26.24 -8.50 10.27
CA ALA D 507 -27.12 -9.67 10.12
C ALA D 507 -28.59 -9.31 10.33
N PHE D 508 -28.84 -8.39 11.26
CA PHE D 508 -30.20 -7.94 11.58
C PHE D 508 -30.79 -7.12 10.45
N ALA D 509 -30.01 -6.20 9.91
CA ALA D 509 -30.43 -5.42 8.74
C ALA D 509 -30.75 -6.31 7.56
N ARG D 510 -29.97 -7.38 7.40
CA ARG D 510 -30.24 -8.35 6.36
C ARG D 510 -31.61 -9.00 6.52
N ASN D 511 -31.98 -9.39 7.75
CA ASN D 511 -33.22 -10.15 8.00
C ASN D 511 -34.46 -9.30 8.15
N GLN D 512 -34.26 -8.00 8.35
CA GLN D 512 -35.36 -7.07 8.57
C GLN D 512 -35.58 -6.11 7.40
N GLY D 513 -34.72 -6.21 6.40
CA GLY D 513 -34.82 -5.39 5.21
C GLY D 513 -34.35 -3.96 5.40
N PHE D 514 -33.13 -3.79 5.88
CA PHE D 514 -32.56 -2.45 5.94
C PHE D 514 -31.55 -2.27 4.82
N ASP D 515 -31.67 -1.17 4.08
CA ASP D 515 -30.94 -0.96 2.85
C ASP D 515 -29.46 -0.72 3.08
N VAL D 516 -29.16 0.08 4.09
CA VAL D 516 -27.79 0.51 4.42
C VAL D 516 -27.57 0.24 5.90
N VAL D 517 -26.37 -0.19 6.28
CA VAL D 517 -26.01 -0.18 7.70
C VAL D 517 -24.91 0.85 7.88
N LEU D 518 -25.06 1.77 8.83
CA LEU D 518 -24.00 2.71 9.15
C LEU D 518 -23.39 2.37 10.50
N VAL D 519 -22.17 1.85 10.49
CA VAL D 519 -21.48 1.48 11.70
C VAL D 519 -20.69 2.65 12.26
N ASP D 520 -21.13 3.19 13.40
CA ASP D 520 -20.38 4.20 14.11
C ASP D 520 -19.33 3.50 14.95
N THR D 521 -18.09 4.00 14.97
CA THR D 521 -17.07 3.45 15.87
C THR D 521 -16.53 4.52 16.83
N ALA D 522 -15.98 4.09 17.97
CA ALA D 522 -15.46 5.02 18.97
C ALA D 522 -14.18 5.69 18.49
N GLY D 523 -13.93 6.91 18.99
CA GLY D 523 -12.71 7.62 18.67
C GLY D 523 -11.50 6.96 19.29
N ARG D 524 -10.42 6.86 18.51
CA ARG D 524 -9.19 6.27 18.97
C ARG D 524 -8.04 7.07 18.39
N MET D 525 -6.92 7.20 19.10
CA MET D 525 -5.73 7.92 18.58
C MET D 525 -5.01 7.02 17.61
N GLN D 526 -4.44 7.60 16.56
CA GLN D 526 -3.89 6.81 15.45
C GLN D 526 -2.72 5.89 15.84
N ASP D 527 -2.07 6.15 16.97
CA ASP D 527 -1.03 5.25 17.42
C ASP D 527 -1.28 4.60 18.78
N ASN D 528 -2.54 4.37 19.09
CA ASN D 528 -2.95 3.51 20.21
C ASN D 528 -3.08 2.10 19.68
N ALA D 529 -2.00 1.33 19.73
CA ALA D 529 -1.93 -0.01 19.15
C ALA D 529 -3.16 -0.92 19.44
N PRO D 530 -3.51 -1.15 20.73
CA PRO D 530 -4.70 -1.96 21.02
C PRO D 530 -5.97 -1.49 20.32
N LEU D 531 -6.20 -0.18 20.24
CA LEU D 531 -7.42 0.33 19.62
C LEU D 531 -7.39 0.25 18.10
N MET D 532 -6.21 0.42 17.50
CA MET D 532 -6.11 0.34 16.05
C MET D 532 -6.33 -1.10 15.60
N THR D 533 -5.84 -2.06 16.36
CA THR D 533 -6.14 -3.44 16.07
C THR D 533 -7.64 -3.70 16.16
N ALA D 534 -8.27 -3.22 17.23
CA ALA D 534 -9.72 -3.35 17.43
C ALA D 534 -10.46 -2.87 16.20
N LEU D 535 -10.07 -1.69 15.70
CA LEU D 535 -10.72 -1.13 14.54
C LEU D 535 -10.52 -1.97 13.30
N ALA D 536 -9.29 -2.42 13.05
CA ALA D 536 -9.02 -3.26 11.89
C ALA D 536 -9.77 -4.57 11.99
N LYS D 537 -9.92 -5.08 13.21
CA LYS D 537 -10.65 -6.34 13.40
C LYS D 537 -12.10 -6.15 13.00
N LEU D 538 -12.72 -5.06 13.46
CA LEU D 538 -14.11 -4.78 13.15
C LEU D 538 -14.28 -4.73 11.65
N ILE D 539 -13.28 -4.15 10.98
CA ILE D 539 -13.34 -3.99 9.54
C ILE D 539 -13.05 -5.31 8.84
N THR D 540 -12.06 -6.08 9.32
CA THR D 540 -11.76 -7.35 8.65
C THR D 540 -12.87 -8.40 8.78
N VAL D 541 -13.41 -8.53 9.98
CA VAL D 541 -14.49 -9.47 10.29
C VAL D 541 -15.78 -9.20 9.51
N ASN D 542 -16.09 -7.92 9.32
CA ASN D 542 -17.36 -7.55 8.73
C ASN D 542 -17.33 -7.10 7.30
N THR D 543 -16.13 -7.04 6.71
CA THR D 543 -15.95 -6.64 5.32
C THR D 543 -16.94 -5.57 4.85
N PRO D 544 -16.91 -4.38 5.47
CA PRO D 544 -17.83 -3.34 5.02
C PRO D 544 -17.60 -2.99 3.56
N ASP D 545 -18.63 -2.48 2.88
CA ASP D 545 -18.56 -2.08 1.47
C ASP D 545 -17.77 -0.78 1.34
N LEU D 546 -17.73 0.00 2.41
CA LEU D 546 -17.13 1.31 2.33
C LEU D 546 -16.61 1.72 3.70
N VAL D 547 -15.29 1.95 3.80
CA VAL D 547 -14.71 2.51 5.01
C VAL D 547 -14.45 3.98 4.79
N LEU D 548 -15.05 4.83 5.61
CA LEU D 548 -14.83 6.26 5.47
C LEU D 548 -14.07 6.80 6.67
N PHE D 549 -12.95 7.46 6.43
CA PHE D 549 -12.19 8.14 7.47
C PHE D 549 -12.75 9.53 7.68
N VAL D 550 -12.99 9.91 8.93
CA VAL D 550 -13.55 11.22 9.25
C VAL D 550 -12.49 12.12 9.89
N GLY D 551 -12.19 13.25 9.28
CA GLY D 551 -11.18 14.12 9.85
C GLY D 551 -11.67 15.55 9.91
N GLU D 552 -11.37 16.25 11.00
CA GLU D 552 -11.80 17.63 11.13
C GLU D 552 -10.89 18.54 10.30
N ALA D 553 -11.47 19.56 9.68
CA ALA D 553 -10.69 20.50 8.87
C ALA D 553 -9.87 21.50 9.72
N LEU D 554 -10.07 21.48 11.03
CA LEU D 554 -9.30 22.31 11.96
C LEU D 554 -7.92 21.75 12.17
N VAL D 555 -7.76 20.46 11.88
CA VAL D 555 -6.53 19.72 12.14
C VAL D 555 -5.37 20.31 11.34
N GLY D 556 -4.16 20.12 11.83
CA GLY D 556 -2.99 20.67 11.19
C GLY D 556 -2.22 19.61 10.46
N ASN D 557 -0.94 19.52 10.78
CA ASN D 557 -0.07 18.52 10.18
C ASN D 557 -0.48 17.11 10.58
N GLU D 558 -1.31 17.02 11.63
CA GLU D 558 -1.73 15.72 12.11
C GLU D 558 -2.58 14.96 11.10
N ALA D 559 -3.16 15.68 10.13
CA ALA D 559 -4.00 15.08 9.10
C ALA D 559 -3.24 14.03 8.32
N VAL D 560 -2.02 14.38 7.91
CA VAL D 560 -1.17 13.41 7.23
C VAL D 560 -0.92 12.20 8.11
N ASP D 561 -0.47 12.40 9.34
CA ASP D 561 -0.19 11.27 10.21
C ASP D 561 -1.41 10.44 10.54
N GLN D 562 -2.56 11.07 10.79
CA GLN D 562 -3.79 10.32 11.09
C GLN D 562 -4.11 9.31 10.01
N LEU D 563 -3.96 9.73 8.76
CA LEU D 563 -4.33 8.89 7.64
C LEU D 563 -3.34 7.79 7.38
N VAL D 564 -2.06 8.14 7.38
CA VAL D 564 -1.01 7.17 7.17
C VAL D 564 -1.14 5.99 8.14
N LYS D 565 -1.44 6.29 9.40
CA LYS D 565 -1.42 5.27 10.45
C LYS D 565 -2.70 4.45 10.47
N PHE D 566 -3.84 5.09 10.18
CA PHE D 566 -5.09 4.34 10.02
C PHE D 566 -4.99 3.36 8.82
N ASN D 567 -4.48 3.85 7.70
CA ASN D 567 -4.33 3.01 6.52
C ASN D 567 -3.36 1.87 6.73
N ARG D 568 -2.29 2.14 7.47
CA ARG D 568 -1.27 1.13 7.74
C ARG D 568 -1.78 0.10 8.74
N ALA D 569 -2.67 0.52 9.64
CA ALA D 569 -3.22 -0.41 10.62
C ALA D 569 -4.17 -1.36 9.93
N LEU D 570 -4.94 -0.85 8.98
CA LEU D 570 -5.86 -1.69 8.21
C LEU D 570 -5.15 -2.71 7.35
N ALA D 571 -3.91 -2.40 6.98
CA ALA D 571 -3.15 -3.21 6.06
C ALA D 571 -2.25 -4.23 6.75
N ASP D 572 -1.93 -4.01 8.02
CA ASP D 572 -1.09 -4.93 8.79
C ASP D 572 -1.90 -6.03 9.46
N HIS D 573 -3.07 -5.68 9.99
CA HIS D 573 -3.92 -6.67 10.65
C HIS D 573 -4.93 -7.23 9.69
N SER D 574 -4.54 -7.31 8.42
CA SER D 574 -5.34 -7.96 7.40
C SER D 574 -4.55 -9.07 6.77
N MET D 575 -5.23 -10.17 6.46
CA MET D 575 -4.56 -11.33 5.87
C MET D 575 -5.10 -11.58 4.46
N ALA D 576 -5.14 -10.53 3.66
CA ALA D 576 -5.58 -10.62 2.27
C ALA D 576 -4.41 -10.19 1.41
N GLN D 577 -4.50 -10.41 0.10
CA GLN D 577 -3.37 -10.07 -0.76
C GLN D 577 -3.43 -8.59 -1.10
N THR D 578 -4.59 -8.11 -1.50
CA THR D 578 -4.78 -6.67 -1.61
C THR D 578 -5.74 -6.24 -0.50
N PRO D 579 -5.19 -5.69 0.60
CA PRO D 579 -5.98 -5.48 1.81
C PRO D 579 -6.87 -4.24 1.71
N ARG D 580 -7.95 -4.21 2.46
CA ARG D 580 -8.96 -3.15 2.32
C ARG D 580 -8.60 -1.90 3.12
N LEU D 581 -8.29 -0.83 2.39
CA LEU D 581 -7.93 0.45 2.99
C LEU D 581 -9.11 1.41 3.12
N ILE D 582 -8.80 2.65 3.49
CA ILE D 582 -9.79 3.72 3.62
C ILE D 582 -10.27 4.12 2.25
N ASP D 583 -11.59 4.24 2.08
CA ASP D 583 -12.17 4.41 0.77
C ASP D 583 -12.47 5.83 0.38
N GLY D 584 -12.60 6.69 1.38
CA GLY D 584 -12.99 8.05 1.11
C GLY D 584 -13.00 8.79 2.42
N ILE D 585 -13.03 10.12 2.34
CA ILE D 585 -12.86 10.97 3.50
C ILE D 585 -14.09 11.83 3.74
N VAL D 586 -14.46 12.00 5.00
CA VAL D 586 -15.48 12.99 5.33
C VAL D 586 -14.80 14.08 6.11
N LEU D 587 -14.66 15.22 5.46
CA LEU D 587 -14.01 16.38 6.03
C LEU D 587 -15.01 17.26 6.77
N THR D 588 -14.88 17.34 8.07
CA THR D 588 -15.88 18.04 8.85
C THR D 588 -15.37 19.37 9.37
N LYS D 589 -16.31 20.17 9.88
CA LYS D 589 -16.01 21.44 10.53
C LYS D 589 -15.37 22.43 9.58
N PHE D 590 -15.77 22.33 8.32
CA PHE D 590 -15.32 23.21 7.27
C PHE D 590 -15.85 24.61 7.49
N ASP D 591 -16.91 24.71 8.29
CA ASP D 591 -17.52 26.00 8.55
C ASP D 591 -16.71 26.82 9.53
N THR D 592 -15.71 26.19 10.13
CA THR D 592 -14.90 26.83 11.17
C THR D 592 -13.52 27.31 10.75
N ILE D 593 -13.08 26.98 9.53
CA ILE D 593 -11.71 27.35 9.14
C ILE D 593 -11.55 28.56 8.20
N ASP D 594 -12.65 29.18 7.77
CA ASP D 594 -12.57 30.32 6.85
C ASP D 594 -11.87 29.93 5.56
N ASP D 595 -10.74 30.56 5.26
CA ASP D 595 -9.99 30.19 4.05
C ASP D 595 -8.81 29.28 4.30
N LYS D 596 -8.55 28.94 5.55
CA LYS D 596 -7.51 27.98 5.90
C LYS D 596 -8.01 26.58 5.59
N VAL D 597 -8.26 26.39 4.31
CA VAL D 597 -9.01 25.28 3.77
C VAL D 597 -8.04 24.12 3.44
N GLY D 598 -6.80 24.28 3.88
CA GLY D 598 -5.69 23.44 3.45
C GLY D 598 -5.73 21.97 3.85
N ALA D 599 -6.50 21.65 4.87
CA ALA D 599 -6.55 20.28 5.35
C ALA D 599 -7.15 19.39 4.29
N ALA D 600 -8.00 19.95 3.45
CA ALA D 600 -8.58 19.20 2.35
C ALA D 600 -7.48 18.72 1.43
N ILE D 601 -6.49 19.59 1.20
CA ILE D 601 -5.36 19.21 0.37
C ILE D 601 -4.48 18.15 1.05
N SER D 602 -4.20 18.32 2.34
CA SER D 602 -3.32 17.39 3.04
C SER D 602 -3.90 15.97 2.93
N MET D 603 -5.19 15.79 3.19
CA MET D 603 -5.77 14.45 3.26
C MET D 603 -5.88 13.78 1.88
N THR D 604 -6.37 14.53 0.90
CA THR D 604 -6.50 13.98 -0.45
C THR D 604 -5.14 13.79 -1.13
N TYR D 605 -4.07 14.25 -0.50
CA TYR D 605 -2.74 14.13 -1.07
C TYR D 605 -2.05 12.80 -0.75
N ILE D 606 -2.16 12.30 0.49
CA ILE D 606 -1.52 11.01 0.81
C ILE D 606 -2.39 9.84 0.37
N THR D 607 -3.58 9.70 0.97
CA THR D 607 -4.55 8.78 0.43
C THR D 607 -4.83 9.38 -0.93
N SER D 608 -4.96 8.58 -1.96
CA SER D 608 -5.39 9.20 -3.20
C SER D 608 -6.87 8.98 -3.40
N LYS D 609 -7.60 9.14 -2.29
CA LYS D 609 -9.03 8.89 -2.20
C LYS D 609 -9.75 10.21 -2.12
N PRO D 610 -11.03 10.23 -2.51
CA PRO D 610 -11.74 11.51 -2.60
C PRO D 610 -12.37 11.92 -1.30
N ILE D 611 -12.57 13.22 -1.13
CA ILE D 611 -13.37 13.75 -0.03
C ILE D 611 -14.83 13.54 -0.43
N VAL D 612 -15.50 12.61 0.23
CA VAL D 612 -16.82 12.20 -0.19
C VAL D 612 -17.95 13.16 0.21
N PHE D 613 -17.84 13.69 1.42
CA PHE D 613 -18.73 14.74 1.91
C PHE D 613 -17.93 15.78 2.69
N VAL D 614 -18.41 17.01 2.68
CA VAL D 614 -17.86 18.05 3.52
C VAL D 614 -18.91 18.41 4.57
N GLY D 615 -18.50 18.48 5.83
CA GLY D 615 -19.43 18.86 6.87
C GLY D 615 -19.29 20.34 7.16
N THR D 616 -20.40 21.06 7.13
CA THR D 616 -20.36 22.52 7.30
C THR D 616 -21.23 23.06 8.46
N GLY D 617 -21.45 22.25 9.48
CA GLY D 617 -22.27 22.70 10.57
C GLY D 617 -22.78 21.54 11.39
N GLN D 618 -23.81 21.77 12.21
CA GLN D 618 -24.22 20.77 13.18
C GLN D 618 -25.60 20.15 12.91
N THR D 619 -26.25 20.57 11.82
CA THR D 619 -27.58 20.12 11.40
C THR D 619 -27.45 19.04 10.36
N TYR D 620 -28.53 18.30 10.12
CA TYR D 620 -28.58 17.27 9.12
C TYR D 620 -28.41 17.91 7.74
N CYS D 621 -28.76 19.19 7.65
CA CYS D 621 -28.73 19.96 6.41
C CYS D 621 -27.30 20.35 5.98
N ASP D 622 -26.36 20.23 6.91
CA ASP D 622 -24.99 20.75 6.74
C ASP D 622 -24.01 19.72 6.21
N LEU D 623 -24.34 19.14 5.05
CA LEU D 623 -23.53 18.14 4.38
C LEU D 623 -23.41 18.65 2.96
N ARG D 624 -22.18 18.79 2.48
CA ARG D 624 -21.99 19.29 1.12
C ARG D 624 -21.13 18.34 0.31
N SER D 625 -21.19 18.45 -1.01
CA SER D 625 -20.20 17.82 -1.88
C SER D 625 -18.96 18.71 -1.90
N LEU D 626 -17.90 18.29 -2.58
CA LEU D 626 -16.68 19.10 -2.62
C LEU D 626 -16.40 19.75 -3.99
N ASN D 627 -16.51 21.07 -4.05
CA ASN D 627 -16.16 21.84 -5.26
C ASN D 627 -14.68 22.18 -5.25
N ALA D 628 -13.89 21.36 -5.93
CA ALA D 628 -12.44 21.50 -5.94
C ALA D 628 -12.00 22.84 -6.49
N LYS D 629 -12.67 23.28 -7.56
CA LYS D 629 -12.38 24.59 -8.12
C LYS D 629 -12.54 25.68 -7.06
N ALA D 630 -13.67 25.66 -6.35
CA ALA D 630 -13.99 26.72 -5.42
C ALA D 630 -13.16 26.63 -4.18
N VAL D 631 -12.77 25.41 -3.83
CA VAL D 631 -11.94 25.20 -2.65
C VAL D 631 -10.53 25.71 -2.90
N VAL D 632 -9.96 25.30 -4.02
CA VAL D 632 -8.65 25.76 -4.44
C VAL D 632 -8.60 27.29 -4.62
N ALA D 633 -9.69 27.87 -5.12
CA ALA D 633 -9.79 29.33 -5.24
C ALA D 633 -9.59 30.02 -3.90
N ALA D 634 -10.27 29.51 -2.88
CA ALA D 634 -10.18 30.05 -1.53
C ALA D 634 -8.76 29.93 -0.97
N LEU D 635 -8.07 28.88 -1.38
CA LEU D 635 -6.71 28.58 -0.94
C LEU D 635 -5.67 29.48 -1.60
N MET D 636 -5.92 29.88 -2.84
CA MET D 636 -4.99 30.72 -3.59
C MET D 636 -5.12 32.21 -3.29
N LYS D 637 -6.16 32.60 -2.57
CA LYS D 637 -6.55 34.01 -2.55
C LYS D 637 -5.55 34.92 -1.80
N ALA D 638 -5.21 34.59 -0.56
CA ALA D 638 -4.39 35.46 0.31
C ALA D 638 -5.03 36.80 0.63
S SO4 E . 28.69 -22.26 -2.98
O1 SO4 E . 27.61 -22.13 -2.02
O2 SO4 E . 29.38 -23.54 -2.77
O3 SO4 E . 28.15 -22.25 -4.33
O4 SO4 E . 29.62 -21.15 -2.78
PG GNP F . 20.26 -20.27 -19.61
O1G GNP F . 18.94 -20.96 -19.90
O2G GNP F . 21.33 -20.53 -20.67
O3G GNP F . 19.90 -18.82 -19.38
N3B GNP F . 20.82 -20.76 -18.20
PB GNP F . 20.05 -21.66 -17.13
O1B GNP F . 21.03 -22.74 -16.91
O2B GNP F . 18.71 -22.10 -17.57
O3A GNP F . 19.81 -20.98 -15.77
PA GNP F . 20.84 -20.74 -14.65
O1A GNP F . 21.58 -21.95 -14.30
O2A GNP F . 21.65 -19.55 -14.97
O5' GNP F . 20.03 -20.39 -13.34
C5' GNP F . 19.10 -19.34 -13.35
C4' GNP F . 19.05 -18.66 -12.00
O4' GNP F . 18.39 -19.53 -11.06
C3' GNP F . 20.37 -18.34 -11.31
O3' GNP F . 20.13 -17.25 -10.43
C2' GNP F . 20.63 -19.61 -10.50
O2' GNP F . 21.64 -19.49 -9.50
C1' GNP F . 19.22 -19.73 -9.93
N9 GNP F . 18.84 -21.04 -9.49
C8 GNP F . 19.07 -22.22 -10.15
N7 GNP F . 18.58 -23.26 -9.51
C5 GNP F . 17.98 -22.71 -8.38
C6 GNP F . 17.30 -23.35 -7.32
O6 GNP F . 17.10 -24.57 -7.21
N1 GNP F . 16.83 -22.46 -6.36
C2 GNP F . 17.02 -21.09 -6.41
N2 GNP F . 16.51 -20.36 -5.41
N3 GNP F . 17.68 -20.47 -7.40
C4 GNP F . 18.12 -21.34 -8.35
MG MG G . 22.59 -21.56 -18.54
C1 GOL H . 10.23 -42.44 -1.44
O1 GOL H . 9.01 -41.80 -1.15
C2 GOL H . 10.31 -42.96 -2.89
O2 GOL H . 9.06 -43.35 -3.41
C3 GOL H . 11.00 -41.93 -3.80
O3 GOL H . 10.81 -42.22 -5.18
P AMP I . 28.70 -17.36 -0.43
O1P AMP I . 29.01 -18.80 -0.12
O2P AMP I . 29.77 -16.40 0.03
O3P AMP I . 28.23 -17.12 -1.85
O5' AMP I . 27.43 -17.01 0.48
C5' AMP I . 26.74 -15.77 0.33
C4' AMP I . 25.52 -15.65 1.21
O4' AMP I . 24.43 -15.08 0.42
C3' AMP I . 24.97 -16.94 1.84
O3' AMP I . 24.48 -16.67 3.14
C2' AMP I . 23.81 -17.31 0.91
O2' AMP I . 22.80 -18.10 1.52
C1' AMP I . 23.30 -15.94 0.46
N9 AMP I . 22.64 -15.93 -0.86
C8 AMP I . 21.98 -16.95 -1.47
N7 AMP I . 21.46 -16.56 -2.67
C5 AMP I . 21.78 -15.25 -2.84
C6 AMP I . 21.56 -14.22 -3.88
N6 AMP I . 20.88 -14.48 -5.02
N1 AMP I . 22.07 -12.99 -3.67
C2 AMP I . 22.76 -12.69 -2.55
N3 AMP I . 23.00 -13.57 -1.56
C4 AMP I . 22.54 -14.85 -1.65
S SO4 J . 36.10 -3.62 -20.76
O1 SO4 J . 37.21 -3.38 -19.85
O2 SO4 J . 36.25 -4.94 -21.34
O3 SO4 J . 34.83 -3.55 -20.01
O4 SO4 J . 36.11 -2.64 -21.84
S SO4 K . 30.83 -3.83 1.18
O1 SO4 K . 29.96 -4.43 0.17
O2 SO4 K . 31.50 -4.90 1.91
O3 SO4 K . 30.01 -3.03 2.08
O4 SO4 K . 31.81 -3.00 0.50
S SO4 L . 33.02 -10.19 -25.24
O1 SO4 L . 33.03 -10.15 -23.77
O2 SO4 L . 32.13 -11.25 -25.71
O3 SO4 L . 34.38 -10.44 -25.74
O4 SO4 L . 32.56 -8.92 -25.79
S SO4 M . 24.85 2.03 1.66
O1 SO4 M . 26.29 2.29 1.70
O2 SO4 M . 24.60 0.60 1.71
O3 SO4 M . 24.32 2.60 0.42
O4 SO4 M . 24.18 2.66 2.79
PG GNP N . 19.47 -14.13 -12.79
O1G GNP N . 20.59 -15.12 -12.54
O2G GNP N . 19.85 -12.68 -12.66
O3G GNP N . 18.35 -14.59 -11.90
N3B GNP N . 18.93 -14.33 -14.26
PB GNP N . 18.19 -13.18 -15.06
O1B GNP N . 16.88 -12.92 -14.45
O2B GNP N . 19.13 -12.03 -15.12
O3A GNP N . 17.97 -13.71 -16.49
PA GNP N . 19.00 -13.65 -17.62
O1A GNP N . 20.36 -14.06 -17.21
O2A GNP N . 18.87 -12.34 -18.27
O5' GNP N . 18.55 -14.63 -18.75
C5' GNP N . 17.51 -15.56 -18.59
C4' GNP N . 17.53 -16.42 -19.82
O4' GNP N . 16.31 -16.17 -20.54
C3' GNP N . 18.65 -16.09 -20.78
O3' GNP N . 19.14 -17.22 -21.46
C2' GNP N . 18.03 -15.15 -21.82
O2' GNP N . 18.69 -15.35 -23.06
C1' GNP N . 16.59 -15.67 -21.83
N9 GNP N . 15.57 -14.68 -22.13
C8 GNP N . 15.38 -13.43 -21.57
N7 GNP N . 14.34 -12.78 -22.05
C5 GNP N . 13.82 -13.67 -22.99
C6 GNP N . 12.71 -13.52 -23.84
O6 GNP N . 11.93 -12.58 -23.93
N1 GNP N . 12.53 -14.64 -24.64
C2 GNP N . 13.32 -15.76 -24.62
N2 GNP N . 12.94 -16.72 -25.48
N3 GNP N . 14.37 -15.93 -23.83
C4 GNP N . 14.56 -14.83 -23.05
MG MG O . 20.86 -11.08 -13.75
C1 GOL P . 28.85 -16.93 -5.46
O1 GOL P . 29.89 -16.11 -5.98
C2 GOL P . 28.64 -18.21 -6.28
O2 GOL P . 27.61 -18.11 -7.26
C3 GOL P . 28.23 -19.31 -5.33
O3 GOL P . 27.75 -20.39 -6.09
S SO4 Q . -3.89 34.98 9.71
O1 SO4 Q . -4.01 34.34 11.01
O2 SO4 Q . -3.07 34.15 8.82
O3 SO4 Q . -5.22 35.15 9.12
O4 SO4 Q . -3.25 36.28 9.83
S SO4 R . -12.61 5.68 33.97
O1 SO4 R . -13.70 5.75 34.94
O2 SO4 R . -11.55 4.82 34.49
O3 SO4 R . -13.10 5.11 32.72
O4 SO4 R . -12.13 7.04 33.74
PG GNP S . -18.71 19.06 22.29
O1G GNP S . -19.58 19.25 23.51
O2G GNP S . -19.40 18.39 21.12
O3G GNP S . -18.12 20.36 21.75
N3B GNP S . -17.53 18.05 22.65
PB GNP S . -16.51 18.19 23.86
O1B GNP S . -17.33 18.03 25.07
O2B GNP S . -15.73 19.43 23.73
O3A GNP S . -15.53 17.03 23.82
PA GNP S . -15.87 15.67 24.44
O1A GNP S . -15.79 15.78 25.91
O2A GNP S . -17.11 15.14 23.84
O5' GNP S . -14.72 14.66 24.07
C5' GNP S . -14.34 14.55 22.74
C4' GNP S . -13.71 13.20 22.55
O4' GNP S . -12.35 13.38 22.90
C3' GNP S . -14.22 12.06 23.42
O3' GNP S . -14.08 10.84 22.70
C2' GNP S . -13.27 12.09 24.61
O2' GNP S . -13.10 10.81 25.21
C1' GNP S . -11.99 12.44 23.89
N9 GNP S . -10.92 13.07 24.66
C8 GNP S . -10.92 14.24 25.39
N7 GNP S . -9.77 14.50 25.93
C5 GNP S . -8.95 13.45 25.51
C6 GNP S . -7.59 13.17 25.77
O6 GNP S . -6.78 13.81 26.43
N1 GNP S . -7.18 12.00 25.14
C2 GNP S . -7.96 11.18 24.37
N2 GNP S . -7.38 10.09 23.85
N3 GNP S . -9.23 11.43 24.13
C4 GNP S . -9.65 12.57 24.73
MG MG T . -19.61 17.92 25.46
C1 GOL U . 6.37 7.80 12.86
O1 GOL U . 5.68 6.88 13.68
C2 GOL U . 6.32 9.21 13.45
O2 GOL U . 6.73 9.20 14.80
C3 GOL U . 7.17 10.20 12.63
O3 GOL U . 7.09 11.50 13.17
P AMP V . -13.86 0.79 31.17
O1P AMP V . -14.84 -0.11 31.89
O2P AMP V . -14.53 1.91 30.38
O3P AMP V . -12.69 1.23 32.00
O5' AMP V . -13.21 -0.15 30.06
C5' AMP V . -12.52 0.41 28.94
C4' AMP V . -11.24 -0.34 28.59
O4' AMP V . -10.93 -0.09 27.19
C3' AMP V . -10.01 0.03 29.39
O3' AMP V . -9.17 -1.11 29.54
C2' AMP V . -9.31 1.09 28.52
O2' AMP V . -7.89 1.09 28.63
C1' AMP V . -9.78 0.74 27.08
N9 AMP V . -10.12 1.90 26.23
C8 AMP V . -9.69 3.19 26.33
N7 AMP V . -10.23 3.99 25.36
C5 AMP V . -11.03 3.20 24.60
C6 AMP V . -11.91 3.37 23.41
N6 AMP V . -12.08 4.55 22.77
N1 AMP V . -12.56 2.27 22.96
C2 AMP V . -12.45 1.06 23.54
N3 AMP V . -11.67 0.84 24.61
C4 AMP V . -10.96 1.84 25.17
S SO4 W . -35.79 14.85 20.66
O1 SO4 W . -36.22 14.49 22.01
O2 SO4 W . -35.29 13.63 20.02
O3 SO4 W . -36.92 15.37 19.91
O4 SO4 W . -34.74 15.86 20.70
S SO4 X . -18.74 -9.49 24.33
O1 SO4 X . -19.69 -10.03 25.32
O2 SO4 X . -18.03 -10.58 23.66
O3 SO4 X . -19.48 -8.72 23.34
O4 SO4 X . -17.78 -8.62 25.01
PG GNP Y . -16.22 10.70 19.44
O1G GNP Y . -17.23 9.65 19.06
O2G GNP Y . -16.10 10.93 20.93
O3G GNP Y . -14.82 10.49 18.92
N3B GNP Y . -16.64 12.06 18.77
PB GNP Y . -17.31 12.09 17.35
O1B GNP Y . -18.47 11.18 17.38
O2B GNP Y . -16.30 11.81 16.31
O3A GNP Y . -17.78 13.53 17.16
PA GNP Y . -19.20 14.00 17.48
O1A GNP Y . -19.52 13.79 18.92
O2A GNP Y . -20.15 13.40 16.51
O5' GNP Y . -19.20 15.55 17.22
C5' GNP Y . -18.42 16.31 18.09
C4' GNP Y . -18.79 17.77 17.96
O4' GNP Y . -18.45 18.14 16.62
C3' GNP Y . -20.27 18.09 18.11
O3' GNP Y . -20.44 19.33 18.80
C2' GNP Y . -20.73 18.25 16.67
O2' GNP Y . -21.83 19.12 16.60
C1' GNP Y . -19.49 18.91 16.10
N9 GNP Y . -19.42 18.87 14.64
C8 GNP Y . -19.42 17.76 13.81
N7 GNP Y . -19.36 18.06 12.54
C5 GNP Y . -19.32 19.45 12.54
C6 GNP Y . -19.25 20.36 11.46
O6 GNP Y . -19.20 20.12 10.25
N1 GNP Y . -19.22 21.68 11.90
C2 GNP Y . -19.26 22.06 13.20
N2 GNP Y . -19.24 23.38 13.42
N3 GNP Y . -19.33 21.24 14.22
C4 GNP Y . -19.35 19.96 13.81
MG MG Z . -19.13 9.28 18.54
C1 GOL AA . -16.18 7.61 28.79
O1 GOL AA . -16.28 9.00 29.06
C2 GOL AA . -15.95 6.78 30.05
O2 GOL AA . -17.01 5.86 30.25
C3 GOL AA . -14.65 5.99 29.90
O3 GOL AA . -14.67 4.86 30.73
#